data_9KQI
#
_entry.id   9KQI
#
_cell.length_a   1.00
_cell.length_b   1.00
_cell.length_c   1.00
_cell.angle_alpha   90.00
_cell.angle_beta   90.00
_cell.angle_gamma   90.00
#
_symmetry.space_group_name_H-M   'P 1'
#
loop_
_entity.id
_entity.type
_entity.pdbx_description
1 polymer 'Phosphatidylserine synthase 1'
2 non-polymer 1,2-DICAPROYL-SN-PHOSPHATIDYL-L-SERINE
3 non-polymer Phosphatidylinositol
4 non-polymer 1-palmitoyl-2-oleoyl-sn-glycero-3-phosphocholine
5 non-polymer DODECANE
6 non-polymer TETRADECANE
7 non-polymer 'CALCIUM ION'
8 non-polymer SERINE
#
_entity_poly.entity_id   1
_entity_poly.type   'polypeptide(L)'
_entity_poly.pdbx_seq_one_letter_code
;MASCVGSRTLSKDDVNYKMHFRMINEQQVEDITIDFFYRPHTITLLSFTIVSLMYFAFTRDDSVPEDNIWRGILSVIFFF
LIISVLAFPNGPFTRPHPALWRMVFGLSVLYFLFLVFLLFLNFEQVKSLMYWLDPNLRYATREADVMEYAVNCHVITWER
IISHFDIFAFGHFWGWAMKALLIRSYGLCWTISITWELTELFFMHLLPNFAECWWDQVILDILLCNGGGIWLGMVVCRFL
EMRTYHWASFKDIHTTTGKIKRAVLQFTPASWTYVRWFDPKSSFQRVAGVYLFMIIWQLTELNTFFLKHIFVFQASHPLS
WGRILFIGGITAPTVRQYYAYLTDTQCKRVGTQCWVFGVIGFLEAIVCIKFGQDLFSKTQILYVVLWLLCVAFTTFLCLY
GMIWYAEHYGHREKTYSECEDGTYSPEISWHHRKGTKGSEDSPPKHAGNNESHSSRRRNRHSKSKVTNGVGKK
;
_entity_poly.pdbx_strand_id   A,B
#
# COMPACT_ATOMS: atom_id res chain seq x y z
N ASP A 14 28.16 2.96 -0.49
CA ASP A 14 26.80 2.43 -0.40
C ASP A 14 25.99 3.25 0.58
N VAL A 15 26.68 3.96 1.47
CA VAL A 15 25.99 4.88 2.38
C VAL A 15 25.29 5.96 1.58
N ASN A 16 25.92 6.42 0.50
CA ASN A 16 25.28 7.37 -0.40
C ASN A 16 24.26 6.69 -1.31
N TYR A 17 24.48 5.42 -1.65
CA TYR A 17 23.60 4.75 -2.60
C TYR A 17 22.23 4.50 -2.00
N LYS A 18 22.16 4.37 -0.68
CA LYS A 18 20.88 4.22 0.01
C LYS A 18 20.33 5.55 0.53
N MET A 19 21.22 6.53 0.77
CA MET A 19 20.77 7.86 1.14
C MET A 19 20.26 8.63 -0.08
N HIS A 20 20.89 8.43 -1.25
CA HIS A 20 20.44 9.11 -2.45
C HIS A 20 19.10 8.61 -2.93
N PHE A 21 18.68 7.42 -2.51
CA PHE A 21 17.34 6.97 -2.85
C PHE A 21 16.28 7.69 -2.03
N ARG A 22 16.57 8.00 -0.77
CA ARG A 22 15.62 8.73 0.05
C ARG A 22 15.55 10.21 -0.29
N MET A 23 16.43 10.74 -1.13
CA MET A 23 16.19 12.05 -1.71
C MET A 23 15.29 11.98 -2.93
N ILE A 24 15.13 10.78 -3.49
CA ILE A 24 14.18 10.57 -4.57
C ILE A 24 12.84 10.11 -4.02
N ASN A 25 12.87 9.07 -3.18
CA ASN A 25 11.64 8.42 -2.77
C ASN A 25 10.92 9.21 -1.67
N GLU A 26 11.59 9.49 -0.56
CA GLU A 26 10.97 10.17 0.57
C GLU A 26 11.75 11.43 0.89
N GLN A 27 11.45 12.52 0.17
CA GLN A 27 12.13 13.78 0.43
C GLN A 27 11.66 14.36 1.76
N GLN A 28 12.61 14.75 2.60
CA GLN A 28 12.32 15.21 3.95
C GLN A 28 12.14 16.73 3.98
N VAL A 29 11.32 17.19 4.90
CA VAL A 29 11.05 18.62 5.05
C VAL A 29 12.23 19.26 5.76
N GLU A 30 12.72 20.36 5.19
CA GLU A 30 13.85 21.10 5.73
C GLU A 30 13.37 22.36 6.43
N ASP A 31 13.99 22.68 7.55
CA ASP A 31 13.73 23.91 8.29
C ASP A 31 12.25 24.02 8.69
N ILE A 32 11.83 23.08 9.54
CA ILE A 32 10.48 23.10 10.10
C ILE A 32 10.44 24.08 11.26
N THR A 33 9.50 25.01 11.23
CA THR A 33 9.29 25.95 12.31
C THR A 33 7.99 25.70 13.06
N ILE A 34 6.88 25.56 12.32
CA ILE A 34 5.61 25.15 12.90
C ILE A 34 5.61 23.62 12.90
N ASP A 35 5.84 23.03 14.07
CA ASP A 35 5.97 21.59 14.20
C ASP A 35 4.64 20.90 14.44
N PHE A 36 3.54 21.66 14.57
CA PHE A 36 2.22 21.03 14.66
C PHE A 36 1.84 20.33 13.36
N PHE A 37 2.35 20.83 12.23
CA PHE A 37 2.00 20.30 10.92
C PHE A 37 2.84 19.09 10.53
N TYR A 38 3.81 18.70 11.35
CA TYR A 38 4.72 17.62 10.97
C TYR A 38 4.97 16.62 12.10
N ARG A 39 4.09 16.58 13.10
CA ARG A 39 4.21 15.61 14.18
C ARG A 39 3.11 14.57 14.06
N PRO A 40 3.44 13.29 13.90
CA PRO A 40 2.41 12.28 13.68
C PRO A 40 1.50 12.12 14.88
N HIS A 41 0.26 11.73 14.61
CA HIS A 41 -0.72 11.41 15.64
C HIS A 41 -1.45 10.13 15.27
N THR A 42 -0.67 9.09 14.95
CA THR A 42 -1.24 7.88 14.38
C THR A 42 -2.24 7.20 15.30
N ILE A 43 -2.10 7.36 16.61
CA ILE A 43 -3.09 6.77 17.52
C ILE A 43 -4.39 7.56 17.45
N THR A 44 -4.32 8.88 17.31
CA THR A 44 -5.53 9.65 17.08
C THR A 44 -6.16 9.29 15.74
N LEU A 45 -5.35 9.01 14.73
CA LEU A 45 -5.87 8.52 13.46
C LEU A 45 -6.57 7.18 13.63
N LEU A 46 -5.98 6.29 14.43
CA LEU A 46 -6.61 5.01 14.73
C LEU A 46 -7.96 5.20 15.40
N SER A 47 -8.01 6.06 16.41
CA SER A 47 -9.28 6.33 17.10
C SER A 47 -10.30 6.93 16.15
N PHE A 48 -9.88 7.85 15.29
CA PHE A 48 -10.81 8.45 14.34
C PHE A 48 -11.36 7.42 13.38
N THR A 49 -10.51 6.54 12.85
CA THR A 49 -11.00 5.52 11.93
C THR A 49 -11.98 4.59 12.62
N ILE A 50 -11.68 4.17 13.85
CA ILE A 50 -12.57 3.25 14.55
C ILE A 50 -13.92 3.91 14.83
N VAL A 51 -13.92 5.17 15.27
CA VAL A 51 -15.18 5.82 15.58
C VAL A 51 -15.99 6.11 14.31
N SER A 52 -15.30 6.51 13.24
CA SER A 52 -16.00 6.74 11.97
C SER A 52 -16.65 5.47 11.46
N LEU A 53 -15.92 4.36 11.50
CA LEU A 53 -16.49 3.11 11.02
C LEU A 53 -17.57 2.58 11.96
N MET A 54 -17.46 2.86 13.26
CA MET A 54 -18.54 2.51 14.17
C MET A 54 -19.82 3.27 13.82
N TYR A 55 -19.69 4.58 13.58
CA TYR A 55 -20.87 5.35 13.21
C TYR A 55 -21.47 4.86 11.91
N PHE A 56 -20.65 4.59 10.91
CA PHE A 56 -21.16 4.14 9.61
C PHE A 56 -21.65 2.71 9.62
N ALA A 57 -21.24 1.90 10.59
CA ALA A 57 -21.73 0.53 10.69
C ALA A 57 -22.98 0.41 11.54
N PHE A 58 -23.17 1.31 12.50
CA PHE A 58 -24.33 1.24 13.37
C PHE A 58 -25.42 2.25 13.03
N THR A 59 -25.16 3.17 12.11
CA THR A 59 -26.14 4.19 11.77
C THR A 59 -26.61 4.15 10.32
N ARG A 60 -25.76 3.74 9.39
CA ARG A 60 -26.13 3.71 7.98
C ARG A 60 -27.18 2.64 7.71
N ASP A 61 -28.15 2.98 6.87
CA ASP A 61 -29.17 2.03 6.45
C ASP A 61 -28.65 1.25 5.24
N ASP A 62 -28.55 -0.07 5.40
CA ASP A 62 -27.96 -0.96 4.40
C ASP A 62 -29.02 -1.85 3.74
N SER A 63 -30.18 -1.27 3.44
CA SER A 63 -31.29 -2.02 2.87
C SER A 63 -31.26 -2.08 1.35
N VAL A 64 -30.29 -1.43 0.70
CA VAL A 64 -30.17 -1.43 -0.75
C VAL A 64 -28.77 -1.90 -1.09
N PRO A 65 -28.62 -2.94 -1.92
CA PRO A 65 -27.27 -3.49 -2.16
C PRO A 65 -26.39 -2.60 -3.03
N GLU A 66 -26.95 -1.91 -4.02
CA GLU A 66 -26.13 -1.09 -4.91
C GLU A 66 -25.46 0.04 -4.13
N ASP A 67 -26.21 0.72 -3.26
CA ASP A 67 -25.63 1.78 -2.45
C ASP A 67 -24.62 1.23 -1.46
N ASN A 68 -24.86 0.03 -0.93
CA ASN A 68 -23.88 -0.59 -0.05
C ASN A 68 -22.56 -0.83 -0.76
N ILE A 69 -22.62 -1.35 -1.99
CA ILE A 69 -21.39 -1.60 -2.74
C ILE A 69 -20.68 -0.29 -3.07
N TRP A 70 -21.44 0.73 -3.47
CA TRP A 70 -20.82 2.01 -3.81
C TRP A 70 -20.13 2.63 -2.60
N ARG A 71 -20.81 2.66 -1.46
CA ARG A 71 -20.21 3.25 -0.27
C ARG A 71 -19.05 2.42 0.25
N GLY A 72 -19.10 1.09 0.08
CA GLY A 72 -17.96 0.27 0.45
C GLY A 72 -16.74 0.57 -0.40
N ILE A 73 -16.93 0.74 -1.71
CA ILE A 73 -15.83 1.10 -2.59
C ILE A 73 -15.25 2.45 -2.19
N LEU A 74 -16.12 3.43 -1.93
CA LEU A 74 -15.65 4.76 -1.53
C LEU A 74 -14.87 4.70 -0.23
N SER A 75 -15.37 3.93 0.75
CA SER A 75 -14.70 3.82 2.04
C SER A 75 -13.37 3.10 1.91
N VAL A 76 -13.30 2.08 1.06
CA VAL A 76 -12.03 1.39 0.83
C VAL A 76 -11.01 2.34 0.23
N ILE A 77 -11.42 3.17 -0.73
CA ILE A 77 -10.50 4.14 -1.33
C ILE A 77 -10.02 5.14 -0.27
N PHE A 78 -10.95 5.65 0.54
CA PHE A 78 -10.59 6.64 1.55
C PHE A 78 -9.61 6.06 2.57
N PHE A 79 -9.88 4.86 3.06
CA PHE A 79 -9.00 4.28 4.07
C PHE A 79 -7.71 3.76 3.48
N PHE A 80 -7.66 3.45 2.18
CA PHE A 80 -6.37 3.20 1.55
C PHE A 80 -5.55 4.48 1.47
N LEU A 81 -6.21 5.62 1.26
CA LEU A 81 -5.50 6.89 1.34
C LEU A 81 -4.95 7.13 2.74
N ILE A 82 -5.74 6.79 3.76
CA ILE A 82 -5.26 6.91 5.14
C ILE A 82 -4.07 6.00 5.40
N ILE A 83 -4.11 4.78 4.87
CA ILE A 83 -2.95 3.88 4.98
C ILE A 83 -1.75 4.44 4.26
N SER A 84 -1.95 5.03 3.08
CA SER A 84 -0.86 5.60 2.31
C SER A 84 -0.20 6.76 3.04
N VAL A 85 -0.98 7.53 3.79
CA VAL A 85 -0.40 8.62 4.58
C VAL A 85 0.60 8.07 5.60
N LEU A 86 0.35 6.88 6.13
CA LEU A 86 1.24 6.30 7.14
C LEU A 86 2.36 5.46 6.54
N ALA A 87 2.17 4.87 5.36
CA ALA A 87 3.09 3.84 4.90
C ALA A 87 3.59 3.99 3.46
N PHE A 88 3.36 5.12 2.80
CA PHE A 88 3.82 5.17 1.43
C PHE A 88 4.79 6.32 1.21
N PRO A 89 5.73 6.19 0.27
CA PRO A 89 6.69 7.26 0.03
C PRO A 89 6.06 8.47 -0.65
N ASN A 90 6.63 9.64 -0.36
CA ASN A 90 6.04 10.90 -0.80
C ASN A 90 6.79 11.53 -1.98
N GLY A 91 7.60 10.76 -2.69
CA GLY A 91 8.27 11.27 -3.87
C GLY A 91 9.36 12.25 -3.52
N PRO A 92 9.86 12.98 -4.51
CA PRO A 92 10.83 14.04 -4.25
C PRO A 92 10.19 15.37 -3.88
N PHE A 93 8.89 15.39 -3.61
CA PHE A 93 8.14 16.61 -3.36
C PHE A 93 7.74 16.66 -1.90
N THR A 94 7.82 17.86 -1.31
CA THR A 94 7.51 18.04 0.09
C THR A 94 6.68 19.29 0.32
N ARG A 95 5.94 19.72 -0.69
CA ARG A 95 5.07 20.89 -0.58
C ARG A 95 3.78 20.62 -1.34
N PRO A 96 2.64 21.12 -0.85
CA PRO A 96 2.43 21.84 0.42
C PRO A 96 2.65 20.95 1.63
N HIS A 97 2.32 19.67 1.53
CA HIS A 97 2.61 18.69 2.57
C HIS A 97 3.02 17.39 1.91
N PRO A 98 3.95 16.64 2.50
CA PRO A 98 4.29 15.32 1.95
C PRO A 98 3.13 14.35 1.91
N ALA A 99 2.19 14.46 2.84
CA ALA A 99 1.07 13.53 2.89
C ALA A 99 0.18 13.65 1.66
N LEU A 100 0.06 14.84 1.09
CA LEU A 100 -0.73 15.01 -0.12
C LEU A 100 -0.08 14.33 -1.32
N TRP A 101 1.18 13.92 -1.21
CA TRP A 101 1.84 13.14 -2.25
C TRP A 101 1.90 11.66 -1.91
N ARG A 102 1.91 11.32 -0.62
CA ARG A 102 1.66 9.93 -0.24
C ARG A 102 0.29 9.48 -0.69
N MET A 103 -0.71 10.37 -0.60
CA MET A 103 -2.06 10.01 -1.05
C MET A 103 -2.12 9.89 -2.57
N VAL A 104 -1.37 10.71 -3.30
CA VAL A 104 -1.30 10.57 -4.75
C VAL A 104 -0.65 9.23 -5.12
N PHE A 105 0.39 8.83 -4.39
CA PHE A 105 0.98 7.52 -4.62
C PHE A 105 0.00 6.40 -4.31
N GLY A 106 -0.81 6.57 -3.26
CA GLY A 106 -1.83 5.58 -2.95
C GLY A 106 -2.84 5.43 -4.07
N LEU A 107 -3.26 6.55 -4.65
CA LEU A 107 -4.17 6.49 -5.80
C LEU A 107 -3.49 5.84 -6.99
N SER A 108 -2.19 6.09 -7.18
CA SER A 108 -1.44 5.44 -8.26
C SER A 108 -1.47 3.93 -8.10
N VAL A 109 -1.24 3.44 -6.88
CA VAL A 109 -1.26 2.00 -6.65
C VAL A 109 -2.65 1.43 -6.84
N LEU A 110 -3.68 2.17 -6.40
CA LEU A 110 -5.06 1.75 -6.63
C LEU A 110 -5.33 1.57 -8.13
N TYR A 111 -4.94 2.55 -8.93
CA TYR A 111 -5.17 2.47 -10.37
C TYR A 111 -4.37 1.35 -11.02
N PHE A 112 -3.13 1.15 -10.56
CA PHE A 112 -2.32 0.07 -11.10
C PHE A 112 -2.98 -1.28 -10.85
N LEU A 113 -3.48 -1.51 -9.63
CA LEU A 113 -4.13 -2.77 -9.34
C LEU A 113 -5.47 -2.91 -10.05
N PHE A 114 -6.19 -1.81 -10.25
CA PHE A 114 -7.41 -1.84 -11.04
C PHE A 114 -7.11 -2.29 -12.47
N LEU A 115 -6.03 -1.76 -13.06
CA LEU A 115 -5.64 -2.19 -14.40
C LEU A 115 -5.23 -3.65 -14.41
N VAL A 116 -4.54 -4.11 -13.36
CA VAL A 116 -4.16 -5.52 -13.27
C VAL A 116 -5.41 -6.39 -13.27
N PHE A 117 -6.45 -5.98 -12.56
CA PHE A 117 -7.69 -6.74 -12.53
C PHE A 117 -8.35 -6.80 -13.91
N LEU A 118 -8.35 -5.69 -14.64
CA LEU A 118 -9.10 -5.60 -15.89
C LEU A 118 -8.55 -6.54 -16.96
N LEU A 119 -7.26 -6.87 -16.90
CA LEU A 119 -6.68 -7.72 -17.92
C LEU A 119 -7.28 -9.12 -17.90
N PHE A 120 -7.81 -9.55 -16.76
CA PHE A 120 -8.30 -10.91 -16.61
C PHE A 120 -9.79 -11.05 -16.91
N LEU A 121 -10.51 -9.95 -17.08
CA LEU A 121 -11.90 -10.01 -17.48
C LEU A 121 -11.99 -10.17 -18.99
N ASN A 122 -13.21 -10.14 -19.51
CA ASN A 122 -13.45 -10.03 -20.95
C ASN A 122 -14.17 -8.71 -21.22
N PHE A 123 -14.43 -8.44 -22.50
CA PHE A 123 -14.98 -7.15 -22.88
C PHE A 123 -16.40 -6.96 -22.33
N GLU A 124 -17.19 -8.03 -22.29
CA GLU A 124 -18.54 -7.92 -21.77
C GLU A 124 -18.53 -7.58 -20.28
N GLN A 125 -17.62 -8.18 -19.51
CA GLN A 125 -17.54 -7.87 -18.09
C GLN A 125 -17.08 -6.44 -17.86
N VAL A 126 -16.12 -5.97 -18.65
CA VAL A 126 -15.64 -4.60 -18.49
C VAL A 126 -16.73 -3.61 -18.87
N LYS A 127 -17.49 -3.91 -19.92
CA LYS A 127 -18.60 -3.06 -20.30
C LYS A 127 -19.68 -3.05 -19.23
N SER A 128 -19.96 -4.20 -18.62
CA SER A 128 -20.93 -4.25 -17.53
C SER A 128 -20.44 -3.45 -16.34
N LEU A 129 -19.14 -3.51 -16.04
CA LEU A 129 -18.58 -2.69 -14.97
C LEU A 129 -18.74 -1.20 -15.26
N MET A 130 -18.46 -0.81 -16.51
CA MET A 130 -18.61 0.59 -16.89
C MET A 130 -20.05 1.05 -16.77
N TYR A 131 -20.99 0.21 -17.20
CA TYR A 131 -22.40 0.57 -17.09
C TYR A 131 -22.83 0.63 -15.63
N TRP A 132 -22.28 -0.23 -14.77
CA TRP A 132 -22.55 -0.11 -13.35
C TRP A 132 -22.04 1.21 -12.79
N LEU A 133 -20.84 1.62 -13.20
CA LEU A 133 -20.31 2.91 -12.75
C LEU A 133 -21.20 4.06 -13.19
N ASP A 134 -21.66 4.04 -14.44
CA ASP A 134 -22.59 5.04 -14.94
C ASP A 134 -23.58 4.39 -15.88
N PRO A 135 -24.84 4.23 -15.46
CA PRO A 135 -25.84 3.63 -16.37
C PRO A 135 -26.08 4.43 -17.64
N ASN A 136 -25.79 5.74 -17.63
CA ASN A 136 -25.96 6.55 -18.82
C ASN A 136 -24.96 6.25 -19.91
N LEU A 137 -23.92 5.47 -19.62
CA LEU A 137 -22.96 5.07 -20.65
C LEU A 137 -23.50 3.96 -21.55
N ARG A 138 -24.52 3.24 -21.11
CA ARG A 138 -25.06 2.15 -21.90
C ARG A 138 -25.81 2.67 -23.12
N TYR A 139 -26.62 3.71 -22.93
CA TYR A 139 -27.47 4.22 -24.00
C TYR A 139 -26.68 5.05 -25.01
N ALA A 140 -25.60 5.69 -24.58
CA ALA A 140 -24.76 6.46 -25.48
C ALA A 140 -24.03 5.55 -26.47
N GLU A 159 -14.44 32.95 -35.79
CA GLU A 159 -15.75 32.61 -35.24
C GLU A 159 -15.80 31.14 -34.85
N ARG A 160 -15.54 30.27 -35.83
CA ARG A 160 -15.50 28.83 -35.56
C ARG A 160 -14.34 28.48 -34.65
N ILE A 161 -13.18 29.10 -34.86
CA ILE A 161 -12.02 28.85 -34.00
C ILE A 161 -12.32 29.28 -32.57
N ILE A 162 -13.05 30.39 -32.41
CA ILE A 162 -13.41 30.85 -31.07
C ILE A 162 -14.29 29.82 -30.37
N SER A 163 -15.23 29.23 -31.10
CA SER A 163 -16.09 28.19 -30.53
C SER A 163 -15.33 26.90 -30.26
N HIS A 164 -14.20 26.68 -30.94
CA HIS A 164 -13.41 25.48 -30.68
C HIS A 164 -12.80 25.51 -29.27
N PHE A 165 -12.36 26.68 -28.83
CA PHE A 165 -11.74 26.81 -27.51
C PHE A 165 -12.80 26.59 -26.44
N ASP A 166 -12.70 25.46 -25.74
CA ASP A 166 -13.59 25.11 -24.64
C ASP A 166 -12.77 24.93 -23.37
N ILE A 167 -13.42 24.43 -22.32
CA ILE A 167 -12.69 24.12 -21.09
C ILE A 167 -11.66 23.02 -21.35
N PHE A 168 -11.92 22.17 -22.34
CA PHE A 168 -10.94 21.13 -22.68
C PHE A 168 -9.68 21.72 -23.29
N ALA A 169 -9.83 22.74 -24.14
CA ALA A 169 -8.65 23.42 -24.68
C ALA A 169 -7.86 24.10 -23.57
N PHE A 170 -8.55 24.72 -22.62
CA PHE A 170 -7.88 25.35 -21.49
C PHE A 170 -7.12 24.30 -20.67
N GLY A 171 -7.74 23.14 -20.45
CA GLY A 171 -7.06 22.08 -19.74
C GLY A 171 -5.85 21.54 -20.49
N HIS A 172 -5.96 21.43 -21.81
CA HIS A 172 -4.82 20.99 -22.62
C HIS A 172 -3.68 22.00 -22.54
N PHE A 173 -4.00 23.29 -22.61
CA PHE A 173 -2.99 24.33 -22.50
C PHE A 173 -2.28 24.25 -21.15
N TRP A 174 -3.05 24.10 -20.07
CA TRP A 174 -2.41 24.04 -18.76
C TRP A 174 -1.65 22.74 -18.56
N GLY A 175 -2.10 21.65 -19.18
CA GLY A 175 -1.34 20.42 -19.12
C GLY A 175 0.00 20.54 -19.81
N TRP A 176 0.02 21.18 -20.97
CA TRP A 176 1.30 21.41 -21.66
C TRP A 176 2.19 22.36 -20.87
N ALA A 177 1.60 23.38 -20.24
CA ALA A 177 2.38 24.26 -19.38
C ALA A 177 3.00 23.49 -18.22
N MET A 178 2.24 22.64 -17.55
CA MET A 178 2.78 21.84 -16.45
C MET A 178 3.84 20.87 -16.94
N LYS A 179 3.65 20.26 -18.10
CA LYS A 179 4.66 19.34 -18.62
C LYS A 179 5.96 20.07 -18.91
N ALA A 180 5.90 21.17 -19.67
CA ALA A 180 7.10 21.95 -19.96
C ALA A 180 7.71 22.53 -18.70
N LEU A 181 6.93 22.67 -17.63
CA LEU A 181 7.48 23.13 -16.35
C LEU A 181 8.46 22.12 -15.76
N LEU A 182 8.29 20.84 -16.06
CA LEU A 182 9.14 19.79 -15.48
C LEU A 182 10.16 19.25 -16.46
N ILE A 183 9.81 19.12 -17.73
CA ILE A 183 10.78 18.65 -18.72
C ILE A 183 11.87 19.68 -18.93
N ARG A 184 11.50 20.96 -18.92
CA ARG A 184 12.43 22.07 -19.12
C ARG A 184 13.23 21.86 -20.40
N SER A 185 12.51 21.87 -21.52
CA SER A 185 13.12 21.74 -22.84
C SER A 185 12.13 22.10 -23.92
N TYR A 186 12.52 22.98 -24.83
CA TYR A 186 11.71 23.24 -26.02
C TYR A 186 11.78 22.07 -26.99
N GLY A 187 12.95 21.46 -27.13
CA GLY A 187 13.11 20.40 -28.11
C GLY A 187 12.26 19.19 -27.80
N LEU A 188 12.33 18.69 -26.57
CA LEU A 188 11.55 17.52 -26.19
C LEU A 188 10.06 17.78 -26.33
N CYS A 189 9.61 18.89 -25.76
CA CYS A 189 8.18 19.19 -25.74
C CYS A 189 7.63 19.41 -27.14
N TRP A 190 8.35 20.16 -27.98
CA TRP A 190 7.86 20.40 -29.32
C TRP A 190 7.93 19.14 -30.17
N THR A 191 8.97 18.32 -29.99
CA THR A 191 9.07 17.06 -30.69
C THR A 191 7.86 16.18 -30.40
N ILE A 192 7.55 15.99 -29.12
CA ILE A 192 6.46 15.08 -28.77
C ILE A 192 5.11 15.70 -29.11
N SER A 193 4.96 17.02 -28.95
CA SER A 193 3.72 17.66 -29.37
C SER A 193 3.46 17.44 -30.84
N ILE A 194 4.47 17.69 -31.68
CA ILE A 194 4.29 17.56 -33.12
C ILE A 194 4.02 16.11 -33.49
N THR A 195 4.79 15.17 -32.92
CA THR A 195 4.61 13.77 -33.27
C THR A 195 3.23 13.27 -32.86
N TRP A 196 2.77 13.65 -31.66
CA TRP A 196 1.46 13.17 -31.22
C TRP A 196 0.34 13.81 -32.02
N GLU A 197 0.45 15.10 -32.36
CA GLU A 197 -0.59 15.71 -33.17
C GLU A 197 -0.66 15.06 -34.55
N LEU A 198 0.50 14.76 -35.15
CA LEU A 198 0.51 14.04 -36.41
C LEU A 198 -0.12 12.66 -36.26
N THR A 199 0.19 11.97 -35.16
CA THR A 199 -0.34 10.63 -34.95
C THR A 199 -1.85 10.66 -34.78
N GLU A 200 -2.38 11.65 -34.06
CA GLU A 200 -3.83 11.76 -33.88
C GLU A 200 -4.52 12.19 -35.17
N LEU A 201 -3.85 13.01 -35.99
CA LEU A 201 -4.40 13.34 -37.30
C LEU A 201 -4.48 12.10 -38.18
N PHE A 202 -3.45 11.24 -38.12
CA PHE A 202 -3.46 10.01 -38.90
C PHE A 202 -4.52 9.04 -38.38
N PHE A 203 -4.58 8.85 -37.06
CA PHE A 203 -5.48 7.87 -36.46
C PHE A 203 -6.94 8.25 -36.62
N MET A 204 -7.23 9.50 -36.97
CA MET A 204 -8.59 9.90 -37.26
C MET A 204 -9.05 9.44 -38.63
N HIS A 205 -8.24 8.63 -39.32
CA HIS A 205 -8.70 7.97 -40.53
C HIS A 205 -9.74 6.89 -40.22
N LEU A 206 -9.61 6.23 -39.07
CA LEU A 206 -10.58 5.21 -38.69
C LEU A 206 -11.89 5.85 -38.22
N LEU A 207 -11.82 7.03 -37.64
CA LEU A 207 -12.97 7.64 -36.98
C LEU A 207 -13.92 8.19 -38.03
N PRO A 208 -15.09 7.58 -38.23
CA PRO A 208 -15.97 8.02 -39.33
C PRO A 208 -16.74 9.31 -39.06
N ASN A 209 -17.34 9.43 -37.87
CA ASN A 209 -18.33 10.48 -37.65
C ASN A 209 -17.71 11.86 -37.47
N PHE A 210 -16.57 11.95 -36.78
CA PHE A 210 -15.96 13.24 -36.51
C PHE A 210 -15.49 13.89 -37.81
N ALA A 211 -15.77 15.18 -37.95
CA ALA A 211 -15.37 15.95 -39.13
C ALA A 211 -14.25 16.94 -38.80
N GLU A 212 -13.43 16.64 -37.79
CA GLU A 212 -12.36 17.55 -37.40
C GLU A 212 -11.31 17.67 -38.51
N CYS A 213 -11.28 18.81 -39.16
CA CYS A 213 -10.36 19.03 -40.26
C CYS A 213 -8.92 19.06 -39.74
N TRP A 214 -7.97 18.96 -40.68
CA TRP A 214 -6.57 18.89 -40.30
C TRP A 214 -6.11 20.13 -39.57
N TRP A 215 -6.73 21.28 -39.85
CA TRP A 215 -6.32 22.51 -39.18
C TRP A 215 -6.50 22.41 -37.68
N ASP A 216 -7.55 21.71 -37.22
CA ASP A 216 -7.84 21.64 -35.79
C ASP A 216 -6.66 21.08 -35.01
N GLN A 217 -5.96 20.08 -35.54
CA GLN A 217 -4.85 19.46 -34.84
C GLN A 217 -3.52 19.67 -35.55
N VAL A 218 -3.44 20.64 -36.46
CA VAL A 218 -2.16 21.05 -37.01
C VAL A 218 -1.85 22.52 -36.77
N ILE A 219 -2.84 23.37 -36.57
CA ILE A 219 -2.60 24.80 -36.34
C ILE A 219 -3.08 25.15 -34.94
N LEU A 220 -4.38 24.94 -34.68
CA LEU A 220 -4.93 25.30 -33.38
C LEU A 220 -4.27 24.54 -32.25
N ASP A 221 -3.99 23.26 -32.45
CA ASP A 221 -3.39 22.46 -31.39
C ASP A 221 -1.89 22.69 -31.30
N ILE A 222 -1.17 22.50 -32.41
CA ILE A 222 0.29 22.59 -32.38
C ILE A 222 0.74 23.99 -32.00
N LEU A 223 0.17 25.01 -32.62
CA LEU A 223 0.65 26.37 -32.40
C LEU A 223 0.07 26.98 -31.14
N LEU A 224 -1.25 27.11 -31.07
CA LEU A 224 -1.84 27.93 -30.01
C LEU A 224 -1.85 27.20 -28.67
N CYS A 225 -2.56 26.08 -28.57
CA CYS A 225 -2.69 25.42 -27.28
C CYS A 225 -1.37 24.84 -26.81
N ASN A 226 -0.80 23.91 -27.57
CA ASN A 226 0.45 23.28 -27.18
C ASN A 226 1.60 24.29 -27.11
N GLY A 227 1.70 25.16 -28.12
CA GLY A 227 2.78 26.12 -28.15
C GLY A 227 2.71 27.13 -27.01
N GLY A 228 1.50 27.64 -26.74
CA GLY A 228 1.34 28.56 -25.62
C GLY A 228 1.61 27.89 -24.29
N GLY A 229 1.16 26.64 -24.13
CA GLY A 229 1.48 25.93 -22.91
C GLY A 229 2.97 25.73 -22.72
N ILE A 230 3.65 25.33 -23.79
CA ILE A 230 5.10 25.11 -23.71
C ILE A 230 5.81 26.42 -23.38
N TRP A 231 5.41 27.51 -24.03
CA TRP A 231 6.03 28.80 -23.78
C TRP A 231 5.84 29.23 -22.33
N LEU A 232 4.62 29.12 -21.82
CA LEU A 232 4.35 29.51 -20.44
C LEU A 232 5.12 28.64 -19.46
N GLY A 233 5.18 27.33 -19.72
CA GLY A 233 5.92 26.44 -18.84
C GLY A 233 7.39 26.76 -18.80
N MET A 234 7.99 27.04 -19.96
CA MET A 234 9.42 27.36 -19.97
C MET A 234 9.69 28.73 -19.37
N VAL A 235 8.77 29.68 -19.53
CA VAL A 235 8.94 30.98 -18.88
C VAL A 235 8.89 30.83 -17.36
N VAL A 236 7.95 30.03 -16.85
CA VAL A 236 7.89 29.79 -15.42
C VAL A 236 9.10 29.01 -14.94
N CYS A 237 9.64 28.11 -15.76
CA CYS A 237 10.89 27.43 -15.40
C CYS A 237 12.01 28.43 -15.24
N ARG A 238 12.16 29.34 -16.20
CA ARG A 238 13.22 30.34 -16.12
C ARG A 238 13.06 31.21 -14.88
N PHE A 239 11.82 31.58 -14.56
CA PHE A 239 11.58 32.40 -13.37
C PHE A 239 11.90 31.63 -12.09
N LEU A 240 11.41 30.39 -11.99
CA LEU A 240 11.53 29.63 -10.75
C LEU A 240 12.96 29.18 -10.49
N GLU A 241 13.72 28.85 -11.53
CA GLU A 241 15.07 28.35 -11.31
C GLU A 241 16.07 29.46 -11.04
N MET A 242 15.72 30.72 -11.32
CA MET A 242 16.56 31.86 -11.01
C MET A 242 16.13 32.58 -9.74
N ARG A 243 15.13 32.05 -9.04
CA ARG A 243 14.60 32.69 -7.86
C ARG A 243 15.44 32.35 -6.64
N THR A 244 15.61 33.32 -5.74
CA THR A 244 16.29 33.11 -4.47
C THR A 244 15.24 32.69 -3.46
N TYR A 245 15.23 31.40 -3.12
CA TYR A 245 14.19 30.82 -2.28
C TYR A 245 14.53 31.10 -0.82
N HIS A 246 13.92 32.14 -0.26
CA HIS A 246 14.08 32.50 1.14
C HIS A 246 12.70 32.39 1.80
N TRP A 247 12.59 31.49 2.77
CA TRP A 247 11.29 31.13 3.35
C TRP A 247 11.26 31.54 4.82
N ALA A 248 10.71 32.71 5.09
CA ALA A 248 10.52 33.14 6.47
C ALA A 248 9.39 32.34 7.12
N SER A 249 9.53 32.08 8.41
CA SER A 249 8.52 31.33 9.12
C SER A 249 7.22 32.12 9.23
N PHE A 250 6.10 31.39 9.24
CA PHE A 250 4.79 32.03 9.27
C PHE A 250 4.60 32.84 10.55
N LYS A 251 5.11 32.33 11.67
CA LYS A 251 4.94 33.04 12.94
C LYS A 251 5.73 34.35 12.97
N ASP A 252 6.89 34.37 12.31
CA ASP A 252 7.77 35.54 12.41
C ASP A 252 7.18 36.75 11.71
N ILE A 253 6.48 36.54 10.58
CA ILE A 253 5.90 37.66 9.85
C ILE A 253 4.84 38.33 10.69
N HIS A 254 4.90 39.66 10.77
CA HIS A 254 3.98 40.44 11.58
C HIS A 254 2.84 41.05 10.78
N THR A 255 3.12 41.58 9.60
CA THR A 255 2.06 42.16 8.77
C THR A 255 1.09 41.07 8.32
N THR A 256 -0.19 41.41 8.32
CA THR A 256 -1.21 40.45 7.92
C THR A 256 -1.07 40.07 6.45
N THR A 257 -0.74 41.04 5.60
CA THR A 257 -0.52 40.74 4.19
C THR A 257 0.66 39.79 4.00
N GLY A 258 1.72 39.97 4.80
CA GLY A 258 2.83 39.04 4.75
C GLY A 258 2.44 37.65 5.19
N LYS A 259 1.60 37.54 6.22
CA LYS A 259 1.10 36.24 6.65
C LYS A 259 0.28 35.57 5.55
N ILE A 260 -0.58 36.35 4.88
CA ILE A 260 -1.37 35.80 3.79
C ILE A 260 -0.47 35.33 2.66
N LYS A 261 0.54 36.13 2.33
CA LYS A 261 1.49 35.75 1.28
C LYS A 261 2.21 34.46 1.65
N ARG A 262 2.65 34.33 2.89
CA ARG A 262 3.36 33.12 3.31
C ARG A 262 2.44 31.91 3.30
N ALA A 263 1.19 32.09 3.74
CA ALA A 263 0.24 30.97 3.70
C ALA A 263 -0.03 30.52 2.28
N VAL A 264 -0.23 31.47 1.36
CA VAL A 264 -0.49 31.13 -0.03
C VAL A 264 0.76 30.54 -0.68
N LEU A 265 1.94 31.07 -0.34
CA LEU A 265 3.18 30.62 -0.94
C LEU A 265 3.56 29.21 -0.52
N GLN A 266 2.88 28.62 0.46
CA GLN A 266 3.15 27.24 0.83
C GLN A 266 2.77 26.25 -0.28
N PHE A 267 1.83 26.62 -1.15
CA PHE A 267 1.41 25.77 -2.24
C PHE A 267 2.23 25.96 -3.50
N THR A 268 3.45 26.47 -3.37
CA THR A 268 4.38 26.67 -4.47
C THR A 268 5.70 25.97 -4.12
N PRO A 269 6.50 25.59 -5.13
CA PRO A 269 7.72 24.84 -4.84
C PRO A 269 8.67 25.61 -3.95
N ALA A 270 9.30 24.89 -3.02
CA ALA A 270 10.30 25.48 -2.13
C ALA A 270 11.67 25.56 -2.76
N SER A 271 11.90 24.86 -3.87
CA SER A 271 13.16 24.92 -4.59
C SER A 271 12.92 24.36 -5.99
N TRP A 272 13.85 24.65 -6.89
CA TRP A 272 13.73 24.22 -8.28
C TRP A 272 15.04 23.61 -8.74
N THR A 273 14.96 22.39 -9.26
CA THR A 273 16.12 21.70 -9.78
C THR A 273 16.47 22.22 -11.16
N TYR A 274 17.77 22.32 -11.43
CA TYR A 274 18.26 22.73 -12.74
C TYR A 274 18.35 21.49 -13.62
N VAL A 275 17.54 21.44 -14.67
CA VAL A 275 17.37 20.26 -15.49
C VAL A 275 18.22 20.40 -16.75
N ARG A 276 19.07 19.40 -17.00
CA ARG A 276 19.88 19.33 -18.21
C ARG A 276 19.80 17.89 -18.72
N TRP A 277 18.90 17.65 -19.68
CA TRP A 277 18.72 16.29 -20.18
C TRP A 277 19.93 15.83 -20.98
N PHE A 278 20.58 16.74 -21.70
CA PHE A 278 21.66 16.38 -22.61
C PHE A 278 22.95 17.06 -22.18
N ASP A 279 24.06 16.37 -22.41
CA ASP A 279 25.40 16.90 -22.21
C ASP A 279 26.22 16.66 -23.46
N PRO A 280 27.21 17.53 -23.74
CA PRO A 280 28.08 17.27 -24.89
C PRO A 280 28.84 15.96 -24.79
N LYS A 281 29.19 15.54 -23.57
CA LYS A 281 29.88 14.29 -23.34
C LYS A 281 28.95 13.17 -22.92
N SER A 282 27.64 13.36 -23.09
CA SER A 282 26.66 12.37 -22.65
C SER A 282 26.86 11.05 -23.38
N SER A 283 26.82 9.96 -22.62
CA SER A 283 27.12 8.63 -23.14
C SER A 283 25.95 8.12 -23.98
N PHE A 284 26.05 6.86 -24.42
CA PHE A 284 24.93 6.23 -25.10
C PHE A 284 23.82 5.88 -24.12
N GLN A 285 24.18 5.62 -22.87
CA GLN A 285 23.18 5.29 -21.85
C GLN A 285 22.24 6.46 -21.62
N ARG A 286 22.79 7.68 -21.49
CA ARG A 286 21.94 8.84 -21.26
C ARG A 286 21.05 9.14 -22.45
N VAL A 287 21.60 9.04 -23.66
CA VAL A 287 20.81 9.30 -24.86
C VAL A 287 19.68 8.30 -24.98
N ALA A 288 19.97 7.02 -24.74
CA ALA A 288 18.91 6.01 -24.76
C ALA A 288 17.92 6.20 -23.62
N GLY A 289 18.35 6.76 -22.49
CA GLY A 289 17.42 7.05 -21.42
C GLY A 289 16.43 8.14 -21.79
N VAL A 290 16.91 9.20 -22.43
CA VAL A 290 16.00 10.23 -22.92
C VAL A 290 15.09 9.68 -24.01
N TYR A 291 15.63 8.79 -24.85
CA TYR A 291 14.81 8.15 -25.89
C TYR A 291 13.67 7.34 -25.28
N LEU A 292 13.98 6.54 -24.26
CA LEU A 292 12.94 5.78 -23.58
C LEU A 292 11.96 6.70 -22.86
N PHE A 293 12.45 7.81 -22.30
CA PHE A 293 11.57 8.77 -21.67
C PHE A 293 10.53 9.27 -22.65
N MET A 294 10.96 9.67 -23.84
CA MET A 294 10.00 10.20 -24.81
C MET A 294 9.11 9.11 -25.40
N ILE A 295 9.62 7.87 -25.52
CA ILE A 295 8.78 6.77 -25.97
C ILE A 295 7.65 6.51 -24.98
N ILE A 296 7.96 6.49 -23.68
CA ILE A 296 6.92 6.28 -22.68
C ILE A 296 5.98 7.48 -22.64
N TRP A 297 6.50 8.68 -22.86
CA TRP A 297 5.66 9.86 -22.90
C TRP A 297 4.61 9.74 -24.00
N GLN A 298 5.02 9.29 -25.20
CA GLN A 298 4.05 9.14 -26.28
C GLN A 298 3.15 7.93 -26.10
N LEU A 299 3.64 6.89 -25.44
CA LEU A 299 2.79 5.76 -25.08
C LEU A 299 1.66 6.20 -24.17
N THR A 300 1.94 7.14 -23.26
CA THR A 300 0.90 7.63 -22.37
C THR A 300 -0.18 8.44 -23.08
N GLU A 301 0.07 8.87 -24.31
CA GLU A 301 -0.96 9.53 -25.12
C GLU A 301 -1.71 8.54 -25.99
N LEU A 302 -1.00 7.55 -26.52
CA LEU A 302 -1.69 6.44 -27.18
C LEU A 302 -2.65 5.75 -26.22
N ASN A 303 -2.27 5.61 -24.95
CA ASN A 303 -3.15 5.02 -23.96
C ASN A 303 -4.45 5.81 -23.83
N THR A 304 -4.35 7.13 -23.70
CA THR A 304 -5.55 7.95 -23.56
C THR A 304 -6.44 7.82 -24.78
N PHE A 305 -5.85 7.97 -25.98
CA PHE A 305 -6.64 7.91 -27.20
C PHE A 305 -7.36 6.58 -27.31
N PHE A 306 -6.64 5.48 -27.14
CA PHE A 306 -7.24 4.18 -27.39
C PHE A 306 -8.19 3.76 -26.28
N LEU A 307 -7.94 4.17 -25.03
CA LEU A 307 -8.93 3.91 -23.99
C LEU A 307 -10.23 4.63 -24.28
N LYS A 308 -10.15 5.93 -24.61
CA LYS A 308 -11.35 6.69 -24.90
C LYS A 308 -12.08 6.15 -26.11
N HIS A 309 -11.37 5.59 -27.08
CA HIS A 309 -12.05 5.11 -28.28
C HIS A 309 -12.59 3.69 -28.11
N ILE A 310 -11.87 2.82 -27.40
CA ILE A 310 -12.33 1.46 -27.18
C ILE A 310 -13.53 1.45 -26.24
N PHE A 311 -13.43 2.16 -25.12
CA PHE A 311 -14.53 2.27 -24.18
C PHE A 311 -15.23 3.60 -24.48
N VAL A 312 -16.31 3.52 -25.25
CA VAL A 312 -16.90 4.73 -25.81
C VAL A 312 -17.55 5.56 -24.71
N PHE A 313 -16.86 6.63 -24.31
CA PHE A 313 -17.46 7.66 -23.47
C PHE A 313 -17.01 9.02 -23.97
N GLN A 314 -17.86 10.02 -23.76
CA GLN A 314 -17.54 11.36 -24.23
C GLN A 314 -16.39 11.95 -23.43
N ALA A 315 -15.76 12.98 -24.00
CA ALA A 315 -14.66 13.64 -23.32
C ALA A 315 -15.10 14.35 -22.06
N SER A 316 -16.40 14.63 -21.91
CA SER A 316 -16.93 15.29 -20.73
C SER A 316 -17.18 14.33 -19.57
N HIS A 317 -17.16 13.03 -19.81
CA HIS A 317 -17.39 12.07 -18.75
C HIS A 317 -16.23 12.08 -17.75
N PRO A 318 -16.50 11.90 -16.46
CA PRO A 318 -15.41 11.89 -15.49
C PRO A 318 -14.38 10.81 -15.74
N LEU A 319 -14.76 9.70 -16.37
CA LEU A 319 -13.78 8.66 -16.68
C LEU A 319 -12.68 9.16 -17.60
N SER A 320 -12.92 10.27 -18.30
CA SER A 320 -11.92 10.83 -19.22
C SER A 320 -11.08 11.91 -18.55
N TRP A 321 -11.73 13.01 -18.13
CA TRP A 321 -10.95 14.11 -17.58
C TRP A 321 -10.47 13.83 -16.16
N GLY A 322 -11.20 13.03 -15.38
CA GLY A 322 -10.67 12.61 -14.09
C GLY A 322 -9.41 11.77 -14.24
N ARG A 323 -9.41 10.85 -15.19
CA ARG A 323 -8.21 10.06 -15.45
C ARG A 323 -7.06 10.94 -15.94
N ILE A 324 -7.36 11.91 -16.81
CA ILE A 324 -6.33 12.80 -17.30
C ILE A 324 -5.74 13.63 -16.16
N LEU A 325 -6.59 14.15 -15.29
CA LEU A 325 -6.12 14.91 -14.14
C LEU A 325 -5.27 14.04 -13.22
N PHE A 326 -5.69 12.80 -12.99
CA PHE A 326 -4.92 11.92 -12.12
C PHE A 326 -3.55 11.58 -12.70
N ILE A 327 -3.49 11.30 -14.01
CA ILE A 327 -2.21 11.02 -14.64
C ILE A 327 -1.33 12.27 -14.63
N GLY A 328 -1.93 13.45 -14.82
CA GLY A 328 -1.15 14.67 -14.74
C GLY A 328 -0.60 14.94 -13.35
N GLY A 329 -1.37 14.61 -12.32
CA GLY A 329 -0.87 14.72 -10.97
C GLY A 329 0.25 13.72 -10.68
N ILE A 330 0.13 12.51 -11.22
CA ILE A 330 1.19 11.52 -11.08
C ILE A 330 2.47 12.00 -11.77
N THR A 331 2.32 12.66 -12.92
CA THR A 331 3.46 12.98 -13.77
C THR A 331 4.46 13.92 -13.08
N ALA A 332 3.99 14.80 -12.20
CA ALA A 332 4.87 15.80 -11.62
C ALA A 332 6.03 15.20 -10.82
N PRO A 333 5.85 14.22 -9.94
CA PRO A 333 7.02 13.57 -9.33
C PRO A 333 7.67 12.49 -10.20
N THR A 334 6.94 11.90 -11.13
CA THR A 334 7.54 10.88 -11.99
C THR A 334 8.65 11.47 -12.85
N VAL A 335 8.42 12.66 -13.41
CA VAL A 335 9.45 13.29 -14.22
C VAL A 335 10.68 13.62 -13.39
N ARG A 336 10.47 14.14 -12.18
CA ARG A 336 11.58 14.55 -11.33
C ARG A 336 12.30 13.36 -10.72
N GLN A 337 11.69 12.17 -10.72
CA GLN A 337 12.39 10.97 -10.29
C GLN A 337 13.11 10.27 -11.45
N TYR A 338 12.50 10.25 -12.64
CA TYR A 338 13.18 9.71 -13.80
C TYR A 338 14.41 10.53 -14.16
N TYR A 339 14.30 11.85 -14.08
CA TYR A 339 15.48 12.68 -14.34
C TYR A 339 16.57 12.39 -13.33
N ALA A 340 16.22 12.29 -12.05
CA ALA A 340 17.22 12.06 -11.02
C ALA A 340 17.91 10.71 -11.22
N TYR A 341 17.14 9.67 -11.52
CA TYR A 341 17.75 8.37 -11.77
C TYR A 341 18.63 8.41 -13.02
N LEU A 342 18.16 9.05 -14.08
CA LEU A 342 18.88 9.02 -15.35
C LEU A 342 20.21 9.76 -15.25
N THR A 343 20.24 10.91 -14.57
CA THR A 343 21.45 11.72 -14.59
C THR A 343 22.37 11.44 -13.41
N ASP A 344 21.85 11.50 -12.19
CA ASP A 344 22.69 11.28 -11.00
C ASP A 344 23.32 9.90 -11.04
N THR A 345 24.63 9.84 -10.82
CA THR A 345 25.35 8.59 -10.90
C THR A 345 25.44 7.86 -9.56
N GLN A 346 24.96 8.47 -8.47
CA GLN A 346 24.94 7.85 -7.17
C GLN A 346 23.55 7.38 -6.76
N CYS A 347 22.60 7.33 -7.70
CA CYS A 347 21.23 7.00 -7.35
C CYS A 347 21.04 5.50 -7.23
N LYS A 348 21.29 4.76 -8.30
CA LYS A 348 21.32 3.30 -8.31
C LYS A 348 19.97 2.67 -7.96
N ARG A 349 18.88 3.44 -8.02
CA ARG A 349 17.54 2.88 -7.89
C ARG A 349 16.53 3.89 -8.42
N VAL A 350 15.49 3.39 -9.07
CA VAL A 350 14.46 4.23 -9.68
C VAL A 350 13.31 4.39 -8.69
N GLY A 351 12.85 5.62 -8.51
CA GLY A 351 11.86 5.89 -7.49
C GLY A 351 10.59 5.10 -7.68
N THR A 352 9.87 4.90 -6.58
CA THR A 352 8.71 4.03 -6.62
C THR A 352 7.57 4.64 -7.43
N GLN A 353 7.41 5.95 -7.37
CA GLN A 353 6.39 6.60 -8.19
C GLN A 353 6.69 6.46 -9.67
N CYS A 354 7.97 6.53 -10.05
CA CYS A 354 8.34 6.29 -11.44
C CYS A 354 8.04 4.84 -11.84
N TRP A 355 8.30 3.89 -10.95
CA TRP A 355 7.97 2.49 -11.20
C TRP A 355 6.48 2.31 -11.42
N VAL A 356 5.66 2.94 -10.57
CA VAL A 356 4.21 2.79 -10.69
C VAL A 356 3.69 3.47 -11.95
N PHE A 357 4.24 4.63 -12.29
CA PHE A 357 3.86 5.26 -13.55
C PHE A 357 4.22 4.38 -14.75
N GLY A 358 5.37 3.71 -14.68
CA GLY A 358 5.76 2.82 -15.76
C GLY A 358 4.80 1.65 -15.91
N VAL A 359 4.46 0.99 -14.80
CA VAL A 359 3.54 -0.15 -14.92
C VAL A 359 2.17 0.33 -15.38
N ILE A 360 1.72 1.49 -14.89
CA ILE A 360 0.42 2.01 -15.33
C ILE A 360 0.42 2.26 -16.83
N GLY A 361 1.48 2.91 -17.33
CA GLY A 361 1.55 3.24 -18.74
C GLY A 361 1.64 2.02 -19.63
N PHE A 362 2.34 0.98 -19.18
CA PHE A 362 2.42 -0.25 -19.98
C PHE A 362 1.13 -1.07 -19.91
N LEU A 363 0.51 -1.12 -18.72
CA LEU A 363 -0.71 -1.90 -18.55
C LEU A 363 -1.88 -1.28 -19.29
N GLU A 364 -1.95 0.05 -19.38
CA GLU A 364 -3.00 0.66 -20.17
C GLU A 364 -2.87 0.29 -21.64
N ALA A 365 -1.64 0.24 -22.15
CA ALA A 365 -1.42 -0.19 -23.53
C ALA A 365 -1.82 -1.65 -23.71
N ILE A 366 -1.48 -2.50 -22.74
CA ILE A 366 -1.87 -3.91 -22.83
C ILE A 366 -3.39 -4.05 -22.83
N VAL A 367 -4.07 -3.24 -22.01
CA VAL A 367 -5.53 -3.25 -21.97
C VAL A 367 -6.10 -2.83 -23.32
N CYS A 368 -5.54 -1.77 -23.91
CA CYS A 368 -6.03 -1.31 -25.20
C CYS A 368 -5.79 -2.35 -26.30
N ILE A 369 -4.67 -3.07 -26.23
CA ILE A 369 -4.42 -4.11 -27.23
C ILE A 369 -5.37 -5.28 -27.02
N LYS A 370 -5.64 -5.66 -25.77
CA LYS A 370 -6.50 -6.81 -25.52
C LYS A 370 -7.95 -6.53 -25.91
N PHE A 371 -8.49 -5.39 -25.48
CA PHE A 371 -9.88 -5.07 -25.77
C PHE A 371 -10.08 -4.37 -27.10
N GLY A 372 -8.99 -3.98 -27.77
CA GLY A 372 -9.11 -3.30 -29.05
C GLY A 372 -8.80 -4.22 -30.21
N GLN A 373 -9.05 -5.51 -30.01
CA GLN A 373 -8.79 -6.49 -31.05
C GLN A 373 -9.75 -6.38 -32.22
N ASP A 374 -10.83 -5.61 -32.09
CA ASP A 374 -11.90 -5.58 -33.08
C ASP A 374 -11.89 -4.32 -33.94
N LEU A 375 -11.53 -3.16 -33.40
CA LEU A 375 -11.63 -1.92 -34.17
C LEU A 375 -10.47 -1.73 -35.15
N PHE A 376 -9.66 -2.76 -35.39
CA PHE A 376 -8.67 -2.75 -36.45
C PHE A 376 -8.85 -3.99 -37.33
N SER A 377 -8.80 -3.79 -38.63
CA SER A 377 -8.84 -4.88 -39.59
C SER A 377 -7.55 -5.01 -40.39
N LYS A 378 -7.15 -3.95 -41.08
CA LYS A 378 -5.90 -3.92 -41.83
C LYS A 378 -5.04 -2.72 -41.44
N THR A 379 -5.29 -2.13 -40.27
CA THR A 379 -4.60 -0.92 -39.86
C THR A 379 -3.13 -1.19 -39.63
N GLN A 380 -2.31 -0.15 -39.81
CA GLN A 380 -0.87 -0.27 -39.88
C GLN A 380 -0.22 0.13 -38.56
N ILE A 381 0.71 -0.71 -38.08
CA ILE A 381 1.65 -0.32 -37.03
C ILE A 381 2.85 0.41 -37.61
N LEU A 382 2.96 0.50 -38.94
CA LEU A 382 4.12 1.10 -39.57
C LEU A 382 4.28 2.56 -39.16
N TYR A 383 3.15 3.28 -39.00
CA TYR A 383 3.22 4.65 -38.53
C TYR A 383 3.83 4.72 -37.14
N VAL A 384 3.46 3.79 -36.26
CA VAL A 384 4.10 3.71 -34.95
C VAL A 384 5.58 3.40 -35.10
N VAL A 385 5.91 2.47 -36.00
CA VAL A 385 7.32 2.20 -36.30
C VAL A 385 7.97 3.44 -36.90
N LEU A 386 7.28 4.12 -37.80
CA LEU A 386 7.83 5.34 -38.39
C LEU A 386 7.98 6.43 -37.34
N TRP A 387 7.01 6.55 -36.43
CA TRP A 387 7.15 7.45 -35.29
C TRP A 387 8.37 7.10 -34.45
N LEU A 388 8.72 5.82 -34.34
CA LEU A 388 9.90 5.45 -33.56
C LEU A 388 11.17 6.05 -34.13
N LEU A 389 11.31 6.03 -35.46
CA LEU A 389 12.52 6.58 -36.09
C LEU A 389 12.54 8.10 -36.01
N CYS A 390 11.41 8.75 -36.28
CA CYS A 390 11.35 10.21 -36.26
C CYS A 390 11.51 10.79 -34.87
N VAL A 391 11.45 9.97 -33.82
CA VAL A 391 11.78 10.45 -32.49
C VAL A 391 13.29 10.39 -32.27
N ALA A 392 13.94 9.29 -32.66
CA ALA A 392 15.39 9.21 -32.58
C ALA A 392 16.05 10.21 -33.52
N PHE A 393 15.45 10.44 -34.69
CA PHE A 393 15.94 11.49 -35.58
C PHE A 393 15.97 12.84 -34.88
N THR A 394 15.02 13.08 -33.98
CA THR A 394 14.94 14.38 -33.31
C THR A 394 15.71 14.42 -32.00
N THR A 395 16.04 13.27 -31.40
CA THR A 395 16.99 13.28 -30.29
C THR A 395 18.41 13.51 -30.81
N PHE A 396 18.78 12.82 -31.90
CA PHE A 396 20.12 13.01 -32.46
C PHE A 396 20.29 14.44 -32.97
N LEU A 397 19.25 15.01 -33.58
CA LEU A 397 19.32 16.41 -33.97
C LEU A 397 19.35 17.34 -32.76
N CYS A 398 18.74 16.93 -31.65
CA CYS A 398 18.78 17.75 -30.44
C CYS A 398 20.18 17.79 -29.85
N LEU A 399 20.88 16.65 -29.83
CA LEU A 399 22.24 16.63 -29.31
C LEU A 399 23.18 17.44 -30.20
N TYR A 400 23.05 17.29 -31.51
CA TYR A 400 23.89 18.06 -32.41
C TYR A 400 23.65 19.56 -32.26
N GLY A 401 22.38 19.95 -32.11
CA GLY A 401 22.05 21.36 -31.95
C GLY A 401 22.50 21.95 -30.62
N MET A 402 22.89 21.10 -29.67
CA MET A 402 23.42 21.57 -28.39
C MET A 402 24.92 21.32 -28.25
N ILE A 403 25.45 20.27 -28.89
CA ILE A 403 26.89 20.11 -28.97
C ILE A 403 27.51 21.25 -29.77
N TRP A 404 26.90 21.59 -30.91
CA TRP A 404 27.35 22.73 -31.69
C TRP A 404 27.06 24.06 -30.98
N TYR A 405 26.09 24.07 -30.06
CA TYR A 405 25.75 25.30 -29.36
C TYR A 405 26.93 25.84 -28.56
N ALA A 406 27.70 24.95 -27.93
CA ALA A 406 28.88 25.38 -27.20
C ALA A 406 29.90 26.03 -28.12
N GLU A 407 30.09 25.47 -29.32
CA GLU A 407 31.03 26.04 -30.28
C GLU A 407 30.61 27.43 -30.71
N HIS A 408 29.32 27.63 -30.96
CA HIS A 408 28.81 28.94 -31.33
C HIS A 408 27.92 29.53 -30.23
N ASP B 14 15.38 15.09 18.41
CA ASP B 14 14.44 14.66 17.38
C ASP B 14 15.16 13.80 16.34
N VAL B 15 16.48 13.93 16.28
CA VAL B 15 17.27 13.06 15.41
C VAL B 15 17.12 11.62 15.86
N ASN B 16 17.05 11.39 17.18
CA ASN B 16 16.77 10.07 17.71
C ASN B 16 15.30 9.71 17.59
N TYR B 17 14.41 10.70 17.66
CA TYR B 17 12.98 10.42 17.66
C TYR B 17 12.50 9.92 16.30
N LYS B 18 13.19 10.30 15.23
CA LYS B 18 12.87 9.79 13.90
C LYS B 18 13.74 8.61 13.52
N MET B 19 14.92 8.48 14.12
CA MET B 19 15.76 7.31 13.90
C MET B 19 15.24 6.11 14.69
N HIS B 20 14.70 6.35 15.90
CA HIS B 20 14.17 5.26 16.69
C HIS B 20 12.91 4.67 16.10
N PHE B 21 12.23 5.40 15.22
CA PHE B 21 11.08 4.83 14.52
C PHE B 21 11.53 3.86 13.43
N ARG B 22 12.64 4.15 12.77
CA ARG B 22 13.17 3.24 11.75
C ARG B 22 13.81 2.00 12.34
N MET B 23 14.01 1.91 13.65
CA MET B 23 14.34 0.64 14.27
C MET B 23 13.11 -0.17 14.59
N ILE B 24 11.95 0.48 14.67
CA ILE B 24 10.68 -0.23 14.83
C ILE B 24 10.08 -0.57 13.49
N ASN B 25 9.99 0.42 12.59
CA ASN B 25 9.23 0.25 11.36
C ASN B 25 10.04 -0.52 10.31
N GLU B 26 11.22 -0.01 9.96
CA GLU B 26 12.03 -0.62 8.89
C GLU B 26 13.38 -0.99 9.46
N GLN B 27 13.47 -2.15 10.09
CA GLN B 27 14.74 -2.62 10.64
C GLN B 27 15.68 -2.99 9.50
N GLN B 28 16.91 -2.49 9.55
CA GLN B 28 17.87 -2.67 8.48
C GLN B 28 18.75 -3.89 8.73
N VAL B 29 19.22 -4.49 7.64
CA VAL B 29 20.06 -5.67 7.73
C VAL B 29 21.47 -5.26 8.11
N GLU B 30 22.04 -5.91 9.12
CA GLU B 30 23.37 -5.63 9.60
C GLU B 30 24.34 -6.70 9.10
N ASP B 31 25.54 -6.26 8.72
CA ASP B 31 26.62 -7.16 8.33
C ASP B 31 26.21 -8.04 7.15
N ILE B 32 25.94 -7.39 6.02
CA ILE B 32 25.63 -8.10 4.78
C ILE B 32 26.93 -8.55 4.13
N THR B 33 27.03 -9.84 3.83
CA THR B 33 28.17 -10.39 3.12
C THR B 33 27.84 -10.82 1.70
N ILE B 34 26.75 -11.58 1.54
CA ILE B 34 26.23 -11.92 0.21
C ILE B 34 25.29 -10.78 -0.17
N ASP B 35 25.75 -9.91 -1.06
CA ASP B 35 25.01 -8.72 -1.46
C ASP B 35 24.08 -8.97 -2.63
N PHE B 36 24.07 -10.19 -3.19
CA PHE B 36 23.10 -10.50 -4.23
C PHE B 36 21.69 -10.56 -3.67
N PHE B 37 21.55 -10.90 -2.39
CA PHE B 37 20.25 -11.06 -1.76
C PHE B 37 19.68 -9.74 -1.25
N TYR B 38 20.41 -8.63 -1.38
CA TYR B 38 19.95 -7.37 -0.81
C TYR B 38 20.15 -6.19 -1.75
N ARG B 39 20.30 -6.43 -3.06
CA ARG B 39 20.43 -5.37 -4.04
C ARG B 39 19.17 -5.30 -4.87
N PRO B 40 18.44 -4.19 -4.89
CA PRO B 40 17.18 -4.13 -5.61
C PRO B 40 17.37 -4.28 -7.10
N HIS B 41 16.35 -4.83 -7.76
CA HIS B 41 16.31 -4.97 -9.21
C HIS B 41 14.92 -4.59 -9.72
N THR B 42 14.45 -3.42 -9.28
CA THR B 42 13.07 -3.02 -9.53
C THR B 42 12.75 -2.96 -11.02
N ILE B 43 13.70 -2.52 -11.85
CA ILE B 43 13.45 -2.47 -13.28
C ILE B 43 13.28 -3.87 -13.86
N THR B 44 14.04 -4.84 -13.33
CA THR B 44 13.77 -6.23 -13.69
C THR B 44 12.43 -6.69 -13.14
N LEU B 45 12.04 -6.21 -11.96
CA LEU B 45 10.69 -6.45 -11.47
C LEU B 45 9.67 -5.70 -12.32
N LEU B 46 10.00 -4.51 -12.79
CA LEU B 46 9.12 -3.79 -13.70
C LEU B 46 8.94 -4.55 -15.01
N SER B 47 10.02 -5.12 -15.53
CA SER B 47 9.94 -5.89 -16.76
C SER B 47 9.29 -7.25 -16.57
N PHE B 48 9.32 -7.80 -15.36
CA PHE B 48 8.71 -9.10 -15.11
C PHE B 48 7.19 -8.99 -15.05
N THR B 49 6.66 -7.94 -14.41
CA THR B 49 5.21 -7.81 -14.28
C THR B 49 4.55 -7.62 -15.64
N ILE B 50 5.17 -6.85 -16.52
CA ILE B 50 4.56 -6.59 -17.83
C ILE B 50 4.56 -7.84 -18.69
N VAL B 51 5.67 -8.58 -18.70
CA VAL B 51 5.71 -9.82 -19.48
C VAL B 51 4.84 -10.90 -18.84
N SER B 52 4.72 -10.90 -17.52
CA SER B 52 3.80 -11.83 -16.86
C SER B 52 2.37 -11.54 -17.27
N LEU B 53 1.95 -10.28 -17.18
CA LEU B 53 0.58 -9.93 -17.53
C LEU B 53 0.34 -9.97 -19.03
N MET B 54 1.37 -9.82 -19.85
CA MET B 54 1.20 -9.98 -21.28
C MET B 54 0.84 -11.41 -21.64
N TYR B 55 1.47 -12.38 -20.98
CA TYR B 55 1.13 -13.78 -21.23
C TYR B 55 -0.29 -14.10 -20.80
N PHE B 56 -0.76 -13.47 -19.72
CA PHE B 56 -2.11 -13.74 -19.24
C PHE B 56 -3.18 -12.90 -19.92
N ALA B 57 -2.81 -11.77 -20.53
CA ALA B 57 -3.76 -10.93 -21.24
C ALA B 57 -3.92 -11.32 -22.70
N PHE B 58 -3.09 -12.24 -23.21
CA PHE B 58 -3.17 -12.64 -24.60
C PHE B 58 -3.31 -14.13 -24.83
N THR B 59 -3.07 -14.96 -23.81
CA THR B 59 -3.18 -16.41 -23.94
C THR B 59 -4.27 -17.02 -23.08
N ARG B 60 -4.60 -16.41 -21.94
CA ARG B 60 -5.63 -16.95 -21.07
C ARG B 60 -6.99 -16.88 -21.75
N ASP B 61 -7.74 -17.98 -21.65
CA ASP B 61 -9.11 -18.02 -22.19
C ASP B 61 -10.04 -17.42 -21.15
N ASP B 62 -10.65 -16.29 -21.49
CA ASP B 62 -11.55 -15.56 -20.60
C ASP B 62 -13.00 -15.70 -21.04
N SER B 63 -13.37 -16.88 -21.51
CA SER B 63 -14.72 -17.13 -22.02
C SER B 63 -15.73 -17.43 -20.92
N VAL B 64 -15.28 -17.68 -19.70
CA VAL B 64 -16.22 -17.88 -18.59
C VAL B 64 -16.09 -16.70 -17.63
N PRO B 65 -17.21 -16.11 -17.20
CA PRO B 65 -17.13 -14.96 -16.30
C PRO B 65 -16.85 -15.33 -14.86
N GLU B 66 -17.05 -16.59 -14.47
CA GLU B 66 -16.87 -16.97 -13.08
C GLU B 66 -15.39 -17.07 -12.73
N ASP B 67 -14.59 -17.63 -13.63
CA ASP B 67 -13.16 -17.83 -13.40
C ASP B 67 -12.33 -16.61 -13.76
N ASN B 68 -12.91 -15.62 -14.43
CA ASN B 68 -12.19 -14.39 -14.70
C ASN B 68 -12.12 -13.52 -13.45
N ILE B 69 -13.19 -13.48 -12.67
CA ILE B 69 -13.19 -12.70 -11.44
C ILE B 69 -12.25 -13.33 -10.41
N TRP B 70 -12.19 -14.67 -10.38
CA TRP B 70 -11.31 -15.33 -9.42
C TRP B 70 -9.84 -15.07 -9.74
N ARG B 71 -9.45 -15.24 -11.00
CA ARG B 71 -8.05 -15.02 -11.35
C ARG B 71 -7.68 -13.55 -11.28
N GLY B 72 -8.64 -12.65 -11.48
CA GLY B 72 -8.37 -11.24 -11.29
C GLY B 72 -8.12 -10.89 -9.84
N ILE B 73 -8.88 -11.50 -8.92
CA ILE B 73 -8.66 -11.29 -7.49
C ILE B 73 -7.30 -11.84 -7.08
N LEU B 74 -6.95 -13.02 -7.58
CA LEU B 74 -5.66 -13.61 -7.24
C LEU B 74 -4.51 -12.76 -7.75
N SER B 75 -4.69 -12.12 -8.90
CA SER B 75 -3.63 -11.30 -9.47
C SER B 75 -3.50 -9.96 -8.76
N VAL B 76 -4.63 -9.40 -8.31
CA VAL B 76 -4.57 -8.18 -7.51
C VAL B 76 -3.86 -8.44 -6.19
N ILE B 77 -4.15 -9.57 -5.56
CA ILE B 77 -3.46 -9.93 -4.32
C ILE B 77 -1.98 -10.15 -4.57
N PHE B 78 -1.63 -10.86 -5.64
CA PHE B 78 -0.24 -11.16 -5.92
C PHE B 78 0.55 -9.88 -6.24
N PHE B 79 -0.01 -9.01 -7.07
CA PHE B 79 0.70 -7.81 -7.47
C PHE B 79 0.66 -6.71 -6.41
N PHE B 80 -0.20 -6.83 -5.41
CA PHE B 80 -0.09 -5.99 -4.24
C PHE B 80 1.05 -6.43 -3.34
N LEU B 81 1.40 -7.72 -3.38
CA LEU B 81 2.57 -8.19 -2.65
C LEU B 81 3.86 -7.72 -3.31
N ILE B 82 3.86 -7.56 -4.63
CA ILE B 82 5.02 -7.01 -5.33
C ILE B 82 5.17 -5.52 -5.04
N ILE B 83 4.06 -4.79 -4.97
CA ILE B 83 4.12 -3.38 -4.59
C ILE B 83 4.55 -3.24 -3.14
N SER B 84 4.12 -4.15 -2.27
CA SER B 84 4.49 -4.07 -0.86
C SER B 84 5.98 -4.30 -0.65
N VAL B 85 6.62 -5.08 -1.53
CA VAL B 85 8.07 -5.26 -1.43
C VAL B 85 8.80 -3.96 -1.72
N LEU B 86 8.28 -3.15 -2.63
CA LEU B 86 8.93 -1.90 -3.00
C LEU B 86 8.54 -0.72 -2.12
N ALA B 87 7.44 -0.81 -1.38
CA ALA B 87 6.92 0.39 -0.73
C ALA B 87 6.44 0.20 0.70
N PHE B 88 6.51 -0.99 1.28
CA PHE B 88 5.93 -1.11 2.61
C PHE B 88 7.00 -1.42 3.65
N PRO B 89 6.80 -0.98 4.90
CA PRO B 89 7.80 -1.24 5.94
C PRO B 89 7.82 -2.70 6.36
N ASN B 90 9.00 -3.15 6.80
CA ASN B 90 9.21 -4.56 7.10
C ASN B 90 9.25 -4.86 8.59
N GLY B 91 8.73 -3.97 9.43
CA GLY B 91 8.65 -4.23 10.84
C GLY B 91 10.01 -4.20 11.50
N PRO B 92 10.09 -4.68 12.73
CA PRO B 92 11.39 -4.81 13.40
C PRO B 92 12.14 -6.10 13.08
N PHE B 93 11.68 -6.84 12.09
CA PHE B 93 12.23 -8.15 11.75
C PHE B 93 12.96 -8.07 10.42
N THR B 94 14.10 -8.75 10.34
CA THR B 94 14.92 -8.72 9.15
C THR B 94 15.42 -10.11 8.78
N ARG B 95 14.69 -11.14 9.18
CA ARG B 95 15.05 -12.52 8.86
C ARG B 95 13.78 -13.31 8.59
N PRO B 96 13.82 -14.29 7.67
CA PRO B 96 14.95 -14.67 6.80
C PRO B 96 15.30 -13.60 5.79
N HIS B 97 14.32 -12.87 5.29
CA HIS B 97 14.52 -11.71 4.45
C HIS B 97 13.54 -10.64 4.87
N PRO B 98 13.94 -9.36 4.80
CA PRO B 98 12.97 -8.29 5.10
C PRO B 98 11.78 -8.27 4.18
N ALA B 99 11.94 -8.72 2.93
CA ALA B 99 10.86 -8.64 1.97
C ALA B 99 9.71 -9.58 2.30
N LEU B 100 9.98 -10.67 3.02
CA LEU B 100 8.90 -11.56 3.45
C LEU B 100 8.05 -10.94 4.54
N TRP B 101 8.50 -9.85 5.16
CA TRP B 101 7.73 -9.13 6.15
C TRP B 101 7.07 -7.88 5.59
N ARG B 102 7.56 -7.38 4.45
CA ARG B 102 6.78 -6.40 3.69
C ARG B 102 5.60 -7.06 3.01
N MET B 103 5.73 -8.33 2.63
CA MET B 103 4.63 -9.07 2.04
C MET B 103 3.62 -9.56 3.07
N VAL B 104 4.02 -9.63 4.34
CA VAL B 104 3.06 -9.90 5.41
C VAL B 104 2.32 -8.63 5.79
N PHE B 105 3.02 -7.49 5.77
CA PHE B 105 2.34 -6.22 5.96
C PHE B 105 1.43 -5.90 4.77
N GLY B 106 1.77 -6.39 3.59
CA GLY B 106 0.90 -6.19 2.44
C GLY B 106 -0.43 -6.91 2.59
N LEU B 107 -0.41 -8.09 3.22
CA LEU B 107 -1.65 -8.82 3.47
C LEU B 107 -2.44 -8.23 4.62
N SER B 108 -1.76 -7.59 5.58
CA SER B 108 -2.48 -6.91 6.66
C SER B 108 -3.34 -5.78 6.12
N VAL B 109 -2.80 -4.99 5.20
CA VAL B 109 -3.56 -3.89 4.61
C VAL B 109 -4.69 -4.41 3.75
N LEU B 110 -4.46 -5.51 3.03
CA LEU B 110 -5.53 -6.13 2.26
C LEU B 110 -6.68 -6.58 3.16
N TYR B 111 -6.35 -7.21 4.28
CA TYR B 111 -7.38 -7.68 5.20
C TYR B 111 -8.03 -6.54 5.95
N PHE B 112 -7.29 -5.47 6.24
CA PHE B 112 -7.89 -4.31 6.88
C PHE B 112 -8.94 -3.68 5.99
N LEU B 113 -8.63 -3.51 4.70
CA LEU B 113 -9.58 -2.87 3.79
C LEU B 113 -10.73 -3.79 3.43
N PHE B 114 -10.51 -5.11 3.48
CA PHE B 114 -11.62 -6.04 3.28
C PHE B 114 -12.68 -5.87 4.36
N LEU B 115 -12.25 -5.68 5.61
CA LEU B 115 -13.19 -5.49 6.70
C LEU B 115 -13.91 -4.15 6.59
N VAL B 116 -13.22 -3.12 6.08
CA VAL B 116 -13.86 -1.82 5.87
C VAL B 116 -15.01 -1.94 4.87
N PHE B 117 -14.81 -2.76 3.83
CA PHE B 117 -15.87 -3.01 2.87
C PHE B 117 -17.03 -3.74 3.51
N LEU B 118 -16.75 -4.74 4.35
CA LEU B 118 -17.80 -5.58 4.91
C LEU B 118 -18.74 -4.80 5.82
N LEU B 119 -18.24 -3.76 6.48
CA LEU B 119 -19.08 -2.98 7.37
C LEU B 119 -20.21 -2.28 6.62
N PHE B 120 -20.04 -2.04 5.33
CA PHE B 120 -21.03 -1.29 4.57
C PHE B 120 -22.02 -2.18 3.84
N LEU B 121 -21.79 -3.49 3.77
CA LEU B 121 -22.74 -4.41 3.19
C LEU B 121 -23.82 -4.74 4.22
N ASN B 122 -24.73 -5.65 3.88
CA ASN B 122 -25.65 -6.23 4.83
C ASN B 122 -25.37 -7.72 4.93
N PHE B 123 -26.12 -8.40 5.81
CA PHE B 123 -25.83 -9.81 6.07
C PHE B 123 -26.13 -10.69 4.86
N GLU B 124 -27.09 -10.31 4.03
CA GLU B 124 -27.39 -11.10 2.84
C GLU B 124 -26.33 -10.95 1.76
N GLN B 125 -25.66 -9.79 1.71
CA GLN B 125 -24.57 -9.62 0.77
C GLN B 125 -23.30 -10.31 1.23
N VAL B 126 -23.03 -10.28 2.54
CA VAL B 126 -21.84 -10.95 3.07
C VAL B 126 -21.99 -12.47 2.97
N LYS B 127 -23.19 -12.97 3.26
CA LYS B 127 -23.43 -14.41 3.10
C LYS B 127 -23.35 -14.81 1.63
N SER B 128 -23.86 -13.98 0.72
CA SER B 128 -23.73 -14.26 -0.69
C SER B 128 -22.27 -14.19 -1.15
N LEU B 129 -21.47 -13.34 -0.51
CA LEU B 129 -20.04 -13.29 -0.81
C LEU B 129 -19.34 -14.56 -0.37
N MET B 130 -19.70 -15.08 0.82
CA MET B 130 -19.07 -16.30 1.32
C MET B 130 -19.42 -17.49 0.45
N TYR B 131 -20.67 -17.58 -0.02
CA TYR B 131 -21.06 -18.69 -0.88
C TYR B 131 -20.34 -18.62 -2.21
N TRP B 132 -20.00 -17.42 -2.68
CA TRP B 132 -19.19 -17.30 -3.88
C TRP B 132 -17.79 -17.87 -3.67
N LEU B 133 -17.19 -17.59 -2.51
CA LEU B 133 -15.88 -18.15 -2.21
C LEU B 133 -15.92 -19.66 -2.15
N ASP B 134 -16.94 -20.22 -1.49
CA ASP B 134 -17.12 -21.66 -1.42
C ASP B 134 -18.61 -21.98 -1.50
N PRO B 135 -19.08 -22.53 -2.62
CA PRO B 135 -20.50 -22.92 -2.70
C PRO B 135 -20.89 -23.96 -1.67
N ASN B 136 -19.95 -24.76 -1.17
CA ASN B 136 -20.25 -25.77 -0.17
C ASN B 136 -20.62 -25.18 1.19
N LEU B 137 -20.39 -23.88 1.40
CA LEU B 137 -20.80 -23.24 2.64
C LEU B 137 -22.30 -22.98 2.70
N ARG B 138 -22.98 -22.97 1.56
CA ARG B 138 -24.41 -22.70 1.54
C ARG B 138 -25.20 -23.87 2.11
N TYR B 139 -24.82 -25.09 1.76
CA TYR B 139 -25.59 -26.26 2.18
C TYR B 139 -25.31 -26.64 3.63
N ALA B 140 -24.12 -26.34 4.13
CA ALA B 140 -23.78 -26.62 5.52
C ALA B 140 -24.60 -25.74 6.47
N GLU B 159 -8.62 -42.54 26.30
CA GLU B 159 -9.13 -42.96 24.99
C GLU B 159 -9.84 -41.79 24.30
N ARG B 160 -10.85 -41.24 24.96
CA ARG B 160 -11.56 -40.08 24.42
C ARG B 160 -10.64 -38.87 24.35
N ILE B 161 -9.82 -38.65 25.38
CA ILE B 161 -8.90 -37.52 25.37
C ILE B 161 -7.89 -37.66 24.24
N ILE B 162 -7.47 -38.90 23.95
CA ILE B 162 -6.53 -39.12 22.84
C ILE B 162 -7.18 -38.72 21.52
N SER B 163 -8.45 -39.08 21.32
CA SER B 163 -9.16 -38.68 20.11
C SER B 163 -9.43 -37.18 20.07
N HIS B 164 -9.44 -36.51 21.21
CA HIS B 164 -9.63 -35.06 21.22
C HIS B 164 -8.46 -34.34 20.56
N PHE B 165 -7.24 -34.82 20.78
CA PHE B 165 -6.05 -34.21 20.18
C PHE B 165 -6.08 -34.41 18.67
N ASP B 166 -6.34 -33.33 17.94
CA ASP B 166 -6.41 -33.34 16.48
C ASP B 166 -5.33 -32.41 15.94
N ILE B 167 -5.36 -32.20 14.62
CA ILE B 167 -4.42 -31.28 13.99
C ILE B 167 -4.65 -29.85 14.48
N PHE B 168 -5.85 -29.54 14.98
CA PHE B 168 -6.11 -28.23 15.54
C PHE B 168 -5.45 -28.07 16.90
N ALA B 169 -5.46 -29.12 17.72
CA ALA B 169 -4.79 -29.07 19.01
C ALA B 169 -3.29 -28.87 18.84
N PHE B 170 -2.70 -29.41 17.78
CA PHE B 170 -1.30 -29.15 17.48
C PHE B 170 -1.09 -27.67 17.15
N GLY B 171 -2.02 -27.09 16.39
CA GLY B 171 -1.92 -25.67 16.10
C GLY B 171 -2.15 -24.79 17.31
N HIS B 172 -3.07 -25.21 18.19
CA HIS B 172 -3.30 -24.45 19.41
C HIS B 172 -2.09 -24.52 20.34
N PHE B 173 -1.41 -25.66 20.38
CA PHE B 173 -0.20 -25.78 21.19
C PHE B 173 0.90 -24.89 20.64
N TRP B 174 1.09 -24.86 19.32
CA TRP B 174 2.13 -24.05 18.73
C TRP B 174 1.76 -22.58 18.68
N GLY B 175 0.48 -22.24 18.78
CA GLY B 175 0.09 -20.85 18.91
C GLY B 175 0.55 -20.25 20.22
N TRP B 176 0.39 -20.99 21.31
CA TRP B 176 0.88 -20.52 22.60
C TRP B 176 2.39 -20.61 22.69
N ALA B 177 2.98 -21.63 22.09
CA ALA B 177 4.44 -21.74 22.06
C ALA B 177 5.08 -20.61 21.24
N MET B 178 4.30 -19.91 20.42
CA MET B 178 4.78 -18.73 19.71
C MET B 178 4.39 -17.44 20.41
N LYS B 179 3.20 -17.37 21.00
CA LYS B 179 2.84 -16.18 21.76
C LYS B 179 3.76 -15.99 22.96
N ALA B 180 3.92 -17.03 23.77
CA ALA B 180 4.80 -16.94 24.93
C ALA B 180 6.24 -16.69 24.53
N LEU B 181 6.60 -16.97 23.29
CA LEU B 181 7.95 -16.69 22.80
C LEU B 181 8.20 -15.19 22.68
N LEU B 182 7.15 -14.40 22.45
CA LEU B 182 7.28 -12.96 22.27
C LEU B 182 6.82 -12.16 23.46
N ILE B 183 5.78 -12.59 24.16
CA ILE B 183 5.35 -11.90 25.37
C ILE B 183 6.38 -12.08 26.48
N ARG B 184 6.97 -13.26 26.59
CA ARG B 184 7.98 -13.57 27.59
C ARG B 184 7.47 -13.24 28.99
N SER B 185 6.44 -14.01 29.38
CA SER B 185 5.86 -13.87 30.71
C SER B 185 4.91 -15.03 31.01
N TYR B 186 5.08 -15.68 32.17
CA TYR B 186 4.10 -16.66 32.61
C TYR B 186 2.83 -15.98 33.11
N GLY B 187 2.98 -14.87 33.84
CA GLY B 187 1.83 -14.21 34.40
C GLY B 187 0.91 -13.61 33.35
N LEU B 188 1.49 -13.08 32.27
CA LEU B 188 0.68 -12.51 31.20
C LEU B 188 0.00 -13.61 30.38
N CYS B 189 0.72 -14.69 30.10
CA CYS B 189 0.18 -15.73 29.23
C CYS B 189 -0.84 -16.60 29.95
N TRP B 190 -0.64 -16.88 31.23
CA TRP B 190 -1.60 -17.67 31.98
C TRP B 190 -2.83 -16.85 32.35
N THR B 191 -2.69 -15.53 32.50
CA THR B 191 -3.84 -14.68 32.77
C THR B 191 -4.84 -14.73 31.62
N ILE B 192 -4.35 -14.71 30.39
CA ILE B 192 -5.23 -14.71 29.24
C ILE B 192 -5.59 -16.12 28.78
N SER B 193 -4.71 -17.09 29.00
CA SER B 193 -5.10 -18.47 28.77
C SER B 193 -6.26 -18.88 29.67
N ILE B 194 -6.22 -18.47 30.93
CA ILE B 194 -7.27 -18.86 31.87
C ILE B 194 -8.55 -18.09 31.60
N THR B 195 -8.45 -16.76 31.43
CA THR B 195 -9.66 -15.95 31.27
C THR B 195 -10.42 -16.32 30.01
N TRP B 196 -9.71 -16.57 28.90
CA TRP B 196 -10.40 -16.88 27.66
C TRP B 196 -11.10 -18.24 27.74
N GLU B 197 -10.40 -19.26 28.22
CA GLU B 197 -11.01 -20.58 28.34
C GLU B 197 -12.22 -20.53 29.26
N LEU B 198 -12.16 -19.71 30.30
CA LEU B 198 -13.34 -19.48 31.12
C LEU B 198 -14.44 -18.82 30.31
N THR B 199 -14.09 -17.86 29.45
CA THR B 199 -15.08 -17.16 28.66
C THR B 199 -15.73 -18.08 27.62
N GLU B 200 -14.91 -18.85 26.91
CA GLU B 200 -15.45 -19.79 25.93
C GLU B 200 -16.28 -20.88 26.59
N LEU B 201 -15.93 -21.26 27.82
CA LEU B 201 -16.79 -22.16 28.58
C LEU B 201 -18.13 -21.51 28.88
N PHE B 202 -18.12 -20.22 29.23
CA PHE B 202 -19.37 -19.50 29.47
C PHE B 202 -20.10 -19.24 28.16
N PHE B 203 -19.38 -18.80 27.13
CA PHE B 203 -20.01 -18.45 25.87
C PHE B 203 -20.58 -19.67 25.14
N MET B 204 -20.24 -20.88 25.57
CA MET B 204 -20.85 -22.07 25.03
C MET B 204 -22.20 -22.37 25.66
N HIS B 205 -22.72 -21.48 26.49
CA HIS B 205 -24.09 -21.59 26.96
C HIS B 205 -25.09 -21.36 25.83
N LEU B 206 -24.76 -20.47 24.89
CA LEU B 206 -25.66 -20.22 23.76
C LEU B 206 -25.62 -21.35 22.75
N LEU B 207 -24.50 -22.02 22.60
CA LEU B 207 -24.30 -22.98 21.51
C LEU B 207 -25.03 -24.27 21.88
N PRO B 208 -26.13 -24.61 21.22
CA PRO B 208 -26.94 -25.76 21.66
C PRO B 208 -26.34 -27.13 21.33
N ASN B 209 -25.80 -27.30 20.12
CA ASN B 209 -25.52 -28.65 19.62
C ASN B 209 -24.28 -29.27 20.23
N PHE B 210 -23.23 -28.49 20.48
CA PHE B 210 -21.98 -29.06 20.98
C PHE B 210 -22.17 -29.57 22.40
N ALA B 211 -21.61 -30.76 22.67
CA ALA B 211 -21.67 -31.38 23.99
C ALA B 211 -20.31 -31.36 24.68
N GLU B 212 -19.47 -30.38 24.37
CA GLU B 212 -18.14 -30.28 24.94
C GLU B 212 -18.21 -30.05 26.45
N CYS B 213 -17.79 -31.06 27.22
CA CYS B 213 -17.81 -30.94 28.67
C CYS B 213 -16.80 -29.90 29.14
N TRP B 214 -16.92 -29.53 30.41
CA TRP B 214 -16.07 -28.47 30.94
C TRP B 214 -14.59 -28.85 30.90
N TRP B 215 -14.29 -30.13 31.09
CA TRP B 215 -12.89 -30.57 31.08
C TRP B 215 -12.21 -30.32 29.75
N ASP B 216 -12.98 -30.17 28.67
CA ASP B 216 -12.37 -29.94 27.35
C ASP B 216 -11.59 -28.63 27.32
N GLN B 217 -12.15 -27.57 27.91
CA GLN B 217 -11.51 -26.26 27.89
C GLN B 217 -11.16 -25.76 29.29
N VAL B 218 -11.13 -26.64 30.28
CA VAL B 218 -10.61 -26.31 31.61
C VAL B 218 -9.52 -27.25 32.07
N ILE B 219 -9.45 -28.48 31.56
CA ILE B 219 -8.39 -29.41 31.90
C ILE B 219 -7.54 -29.77 30.69
N LEU B 220 -8.17 -30.03 29.54
CA LEU B 220 -7.41 -30.36 28.34
C LEU B 220 -6.74 -29.13 27.75
N ASP B 221 -7.45 -28.00 27.74
CA ASP B 221 -6.94 -26.80 27.09
C ASP B 221 -6.05 -25.97 28.00
N ILE B 222 -6.53 -25.63 29.19
CA ILE B 222 -5.76 -24.76 30.09
C ILE B 222 -4.44 -25.41 30.46
N LEU B 223 -4.45 -26.71 30.78
CA LEU B 223 -3.25 -27.37 31.27
C LEU B 223 -2.33 -27.79 30.12
N LEU B 224 -2.82 -28.63 29.20
CA LEU B 224 -1.94 -29.28 28.24
C LEU B 224 -1.69 -28.42 27.00
N CYS B 225 -2.76 -28.09 26.27
CA CYS B 225 -2.59 -27.36 25.02
C CYS B 225 -2.01 -25.96 25.26
N ASN B 226 -2.48 -25.27 26.29
CA ASN B 226 -1.98 -23.94 26.59
C ASN B 226 -0.71 -23.99 27.46
N GLY B 227 -0.82 -24.61 28.64
CA GLY B 227 0.33 -24.66 29.53
C GLY B 227 1.52 -25.39 28.93
N GLY B 228 1.26 -26.43 28.14
CA GLY B 228 2.34 -27.05 27.41
C GLY B 228 2.93 -26.14 26.35
N GLY B 229 2.08 -25.39 25.66
CA GLY B 229 2.57 -24.40 24.72
C GLY B 229 3.30 -23.26 25.41
N ILE B 230 2.73 -22.75 26.51
CA ILE B 230 3.35 -21.64 27.22
C ILE B 230 4.72 -22.06 27.77
N TRP B 231 4.82 -23.27 28.30
CA TRP B 231 6.08 -23.75 28.84
C TRP B 231 7.14 -23.84 27.75
N LEU B 232 6.79 -24.42 26.60
CA LEU B 232 7.76 -24.58 25.52
C LEU B 232 8.21 -23.23 24.97
N GLY B 233 7.27 -22.29 24.83
CA GLY B 233 7.64 -20.97 24.33
C GLY B 233 8.56 -20.23 25.28
N MET B 234 8.28 -20.29 26.57
CA MET B 234 9.10 -19.59 27.55
C MET B 234 10.43 -20.30 27.78
N VAL B 235 10.52 -21.59 27.49
CA VAL B 235 11.80 -22.29 27.58
C VAL B 235 12.73 -21.84 26.46
N VAL B 236 12.19 -21.61 25.26
CA VAL B 236 13.00 -21.16 24.14
C VAL B 236 13.49 -19.73 24.38
N CYS B 237 12.66 -18.87 24.98
CA CYS B 237 13.09 -17.50 25.25
C CYS B 237 14.34 -17.47 26.11
N ARG B 238 14.41 -18.34 27.11
CA ARG B 238 15.63 -18.45 27.90
C ARG B 238 16.81 -18.84 27.01
N PHE B 239 16.59 -19.80 26.11
CA PHE B 239 17.66 -20.23 25.21
C PHE B 239 17.99 -19.15 24.18
N LEU B 240 16.96 -18.53 23.59
CA LEU B 240 17.20 -17.59 22.51
C LEU B 240 17.82 -16.28 23.01
N GLU B 241 17.58 -15.93 24.27
CA GLU B 241 18.08 -14.66 24.78
C GLU B 241 19.42 -14.79 25.50
N MET B 242 19.80 -16.00 25.90
CA MET B 242 21.12 -16.24 26.48
C MET B 242 22.12 -16.74 25.45
N ARG B 243 21.73 -16.80 24.19
CA ARG B 243 22.60 -17.30 23.12
C ARG B 243 23.54 -16.21 22.65
N THR B 244 24.78 -16.60 22.34
CA THR B 244 25.77 -15.70 21.77
C THR B 244 25.61 -15.74 20.26
N TYR B 245 25.03 -14.69 19.68
CA TYR B 245 24.67 -14.67 18.27
C TYR B 245 25.92 -14.30 17.46
N HIS B 246 26.60 -15.31 16.92
CA HIS B 246 27.75 -15.14 16.05
C HIS B 246 27.41 -15.73 14.70
N TRP B 247 27.36 -14.89 13.67
CA TRP B 247 26.86 -15.27 12.36
C TRP B 247 27.99 -15.22 11.35
N ALA B 248 28.62 -16.36 11.11
CA ALA B 248 29.64 -16.45 10.06
C ALA B 248 28.99 -16.39 8.69
N SER B 249 29.69 -15.79 7.75
CA SER B 249 29.17 -15.67 6.39
C SER B 249 29.08 -17.03 5.73
N PHE B 250 28.10 -17.18 4.83
CA PHE B 250 27.87 -18.47 4.17
C PHE B 250 29.06 -18.86 3.31
N LYS B 251 29.68 -17.88 2.65
CA LYS B 251 30.83 -18.19 1.78
C LYS B 251 32.03 -18.66 2.58
N ASP B 252 32.22 -18.12 3.79
CA ASP B 252 33.44 -18.43 4.55
C ASP B 252 33.46 -19.87 5.03
N ILE B 253 32.30 -20.43 5.38
CA ILE B 253 32.26 -21.81 5.86
C ILE B 253 32.67 -22.75 4.74
N HIS B 254 33.58 -23.68 5.06
CA HIS B 254 34.12 -24.61 4.09
C HIS B 254 33.43 -25.97 4.13
N THR B 255 33.20 -26.52 5.31
CA THR B 255 32.52 -27.79 5.43
C THR B 255 31.07 -27.65 4.94
N THR B 256 30.60 -28.66 4.21
CA THR B 256 29.25 -28.63 3.69
C THR B 256 28.21 -28.67 4.82
N THR B 257 28.47 -29.41 5.88
CA THR B 257 27.55 -29.45 7.01
C THR B 257 27.42 -28.09 7.67
N GLY B 258 28.50 -27.30 7.68
CA GLY B 258 28.40 -25.92 8.15
C GLY B 258 27.58 -25.06 7.21
N LYS B 259 27.74 -25.25 5.91
CA LYS B 259 26.94 -24.51 4.95
C LYS B 259 25.46 -24.85 5.08
N ILE B 260 25.14 -26.13 5.26
CA ILE B 260 23.76 -26.53 5.48
C ILE B 260 23.24 -25.95 6.79
N LYS B 261 24.08 -25.96 7.83
CA LYS B 261 23.70 -25.34 9.09
C LYS B 261 23.47 -23.85 8.93
N ARG B 262 24.35 -23.17 8.19
CA ARG B 262 24.19 -21.72 8.02
C ARG B 262 22.98 -21.39 7.16
N ALA B 263 22.73 -22.17 6.11
CA ALA B 263 21.57 -21.94 5.27
C ALA B 263 20.28 -22.10 6.05
N VAL B 264 20.19 -23.17 6.85
CA VAL B 264 18.98 -23.40 7.65
C VAL B 264 18.85 -22.36 8.74
N LEU B 265 19.98 -21.96 9.34
CA LEU B 265 19.95 -21.00 10.45
C LEU B 265 19.51 -19.61 10.01
N GLN B 266 19.42 -19.35 8.71
CA GLN B 266 18.91 -18.07 8.26
C GLN B 266 17.44 -17.86 8.61
N PHE B 267 16.68 -18.94 8.79
CA PHE B 267 15.27 -18.84 9.11
C PHE B 267 15.01 -18.80 10.61
N THR B 268 16.01 -18.39 11.39
CA THR B 268 15.93 -18.23 12.83
C THR B 268 16.34 -16.82 13.21
N PRO B 269 15.88 -16.30 14.35
CA PRO B 269 16.19 -14.90 14.69
C PRO B 269 17.69 -14.66 14.80
N ALA B 270 18.11 -13.50 14.31
CA ALA B 270 19.52 -13.10 14.41
C ALA B 270 19.85 -12.46 15.75
N SER B 271 18.85 -12.09 16.53
CA SER B 271 19.06 -11.54 17.86
C SER B 271 17.74 -11.62 18.62
N TRP B 272 17.82 -11.50 19.93
CA TRP B 272 16.64 -11.60 20.79
C TRP B 272 16.61 -10.45 21.77
N THR B 273 15.49 -9.74 21.81
CA THR B 273 15.33 -8.64 22.75
C THR B 273 14.97 -9.16 24.14
N TYR B 274 15.53 -8.52 25.16
CA TYR B 274 15.21 -8.85 26.54
C TYR B 274 13.94 -8.08 26.92
N VAL B 275 12.87 -8.82 27.20
CA VAL B 275 11.54 -8.24 27.41
C VAL B 275 11.28 -8.14 28.90
N ARG B 276 10.93 -6.94 29.35
CA ARG B 276 10.53 -6.69 30.74
C ARG B 276 9.29 -5.80 30.70
N TRP B 277 8.11 -6.42 30.80
CA TRP B 277 6.88 -5.64 30.73
C TRP B 277 6.70 -4.76 31.95
N PHE B 278 7.12 -5.22 33.12
CA PHE B 278 6.90 -4.49 34.37
C PHE B 278 8.22 -4.09 35.00
N ASP B 279 8.20 -2.95 35.68
CA ASP B 279 9.31 -2.48 36.48
C ASP B 279 8.79 -2.12 37.87
N PRO B 280 9.64 -2.22 38.90
CA PRO B 280 9.20 -1.81 40.23
C PRO B 280 8.82 -0.34 40.29
N LYS B 281 9.46 0.50 39.49
CA LYS B 281 9.16 1.93 39.43
C LYS B 281 8.26 2.28 38.25
N SER B 282 7.61 1.28 37.64
CA SER B 282 6.80 1.52 36.46
C SER B 282 5.65 2.47 36.77
N SER B 283 5.44 3.44 35.89
CA SER B 283 4.48 4.50 36.12
C SER B 283 3.06 3.98 35.93
N PHE B 284 2.10 4.90 36.05
CA PHE B 284 0.71 4.57 35.76
C PHE B 284 0.47 4.44 34.27
N GLN B 285 1.32 5.06 33.45
CA GLN B 285 1.19 4.92 32.00
C GLN B 285 1.64 3.55 31.54
N ARG B 286 2.77 3.07 32.06
CA ARG B 286 3.27 1.75 31.65
C ARG B 286 2.35 0.65 32.15
N VAL B 287 1.83 0.79 33.37
CA VAL B 287 0.95 -0.23 33.93
C VAL B 287 -0.32 -0.34 33.12
N ALA B 288 -0.83 0.78 32.63
CA ALA B 288 -2.02 0.82 31.79
C ALA B 288 -1.71 0.59 30.32
N GLY B 289 -0.45 0.39 29.96
CA GLY B 289 -0.11 0.03 28.60
C GLY B 289 -0.05 -1.47 28.44
N VAL B 290 0.21 -2.18 29.54
CA VAL B 290 0.07 -3.62 29.56
C VAL B 290 -1.36 -4.03 29.85
N TYR B 291 -2.18 -3.13 30.39
CA TYR B 291 -3.60 -3.41 30.55
C TYR B 291 -4.33 -3.31 29.22
N LEU B 292 -3.96 -2.36 28.38
CA LEU B 292 -4.52 -2.29 27.04
C LEU B 292 -3.96 -3.39 26.16
N PHE B 293 -2.75 -3.86 26.44
CA PHE B 293 -2.18 -4.96 25.66
C PHE B 293 -2.99 -6.23 25.84
N MET B 294 -3.42 -6.52 27.06
CA MET B 294 -4.15 -7.74 27.36
C MET B 294 -5.66 -7.60 27.15
N ILE B 295 -6.13 -6.44 26.71
CA ILE B 295 -7.51 -6.30 26.27
C ILE B 295 -7.61 -6.46 24.77
N ILE B 296 -6.68 -5.85 24.01
CA ILE B 296 -6.63 -6.11 22.58
C ILE B 296 -6.23 -7.54 22.30
N TRP B 297 -5.44 -8.16 23.18
CA TRP B 297 -5.14 -9.58 23.04
C TRP B 297 -6.41 -10.41 23.17
N GLN B 298 -7.21 -10.14 24.19
CA GLN B 298 -8.45 -10.89 24.38
C GLN B 298 -9.56 -10.45 23.46
N LEU B 299 -9.47 -9.24 22.90
CA LEU B 299 -10.42 -8.86 21.86
C LEU B 299 -10.23 -9.71 20.62
N THR B 300 -8.99 -10.05 20.29
CA THR B 300 -8.71 -10.89 19.13
C THR B 300 -9.15 -12.33 19.32
N GLU B 301 -9.53 -12.71 20.54
CA GLU B 301 -10.09 -14.03 20.78
C GLU B 301 -11.61 -14.05 20.71
N LEU B 302 -12.26 -12.91 20.99
CA LEU B 302 -13.69 -12.80 20.72
C LEU B 302 -13.97 -12.66 19.24
N ASN B 303 -13.04 -12.05 18.50
CA ASN B 303 -13.18 -11.99 17.05
C ASN B 303 -13.19 -13.38 16.43
N THR B 304 -12.28 -14.25 16.87
CA THR B 304 -12.24 -15.60 16.31
C THR B 304 -13.48 -16.39 16.68
N PHE B 305 -13.97 -16.23 17.91
CA PHE B 305 -15.13 -17.00 18.36
C PHE B 305 -16.39 -16.61 17.60
N PHE B 306 -16.59 -15.32 17.37
CA PHE B 306 -17.86 -14.86 16.80
C PHE B 306 -17.86 -14.87 15.27
N LEU B 307 -16.72 -14.61 14.63
CA LEU B 307 -16.67 -14.71 13.19
C LEU B 307 -16.97 -16.13 12.73
N LYS B 308 -16.53 -17.12 13.50
CA LYS B 308 -16.82 -18.51 13.18
C LYS B 308 -18.26 -18.87 13.50
N HIS B 309 -18.89 -18.16 14.45
CA HIS B 309 -20.26 -18.48 14.84
C HIS B 309 -21.28 -17.65 14.07
N ILE B 310 -21.00 -16.37 13.83
CA ILE B 310 -21.92 -15.54 13.05
C ILE B 310 -21.98 -16.02 11.61
N PHE B 311 -20.83 -16.23 11.00
CA PHE B 311 -20.72 -16.82 9.67
C PHE B 311 -20.39 -18.29 9.85
N VAL B 312 -21.41 -19.14 9.75
CA VAL B 312 -21.27 -20.53 10.13
C VAL B 312 -20.38 -21.26 9.13
N PHE B 313 -19.13 -21.52 9.52
CA PHE B 313 -18.27 -22.43 8.79
C PHE B 313 -17.50 -23.28 9.79
N GLN B 314 -17.16 -24.50 9.37
CA GLN B 314 -16.47 -25.42 10.24
C GLN B 314 -15.04 -24.95 10.51
N ALA B 315 -14.44 -25.50 11.57
CA ALA B 315 -13.08 -25.14 11.92
C ALA B 315 -12.07 -25.63 10.89
N SER B 316 -12.45 -26.57 10.04
CA SER B 316 -11.57 -27.09 9.00
C SER B 316 -11.57 -26.25 7.73
N HIS B 317 -12.47 -25.29 7.62
CA HIS B 317 -12.52 -24.46 6.43
C HIS B 317 -11.33 -23.51 6.39
N PRO B 318 -10.77 -23.22 5.22
CA PRO B 318 -9.66 -22.26 5.15
C PRO B 318 -10.01 -20.88 5.65
N LEU B 319 -11.28 -20.49 5.64
CA LEU B 319 -11.67 -19.23 6.26
C LEU B 319 -11.43 -19.24 7.76
N SER B 320 -11.30 -20.43 8.36
CA SER B 320 -11.14 -20.54 9.80
C SER B 320 -9.67 -20.57 10.21
N TRP B 321 -8.91 -21.55 9.70
CA TRP B 321 -7.51 -21.65 10.05
C TRP B 321 -6.60 -20.85 9.13
N GLY B 322 -7.07 -20.45 7.96
CA GLY B 322 -6.30 -19.51 7.15
C GLY B 322 -6.22 -18.14 7.79
N ARG B 323 -7.31 -17.71 8.42
CA ARG B 323 -7.30 -16.43 9.13
C ARG B 323 -6.46 -16.51 10.39
N ILE B 324 -6.49 -17.64 11.08
CA ILE B 324 -5.72 -17.79 12.32
C ILE B 324 -4.23 -17.78 12.03
N LEU B 325 -3.81 -18.47 10.95
CA LEU B 325 -2.40 -18.44 10.57
C LEU B 325 -1.97 -17.03 10.21
N PHE B 326 -2.80 -16.31 9.46
CA PHE B 326 -2.43 -14.96 9.04
C PHE B 326 -2.37 -13.99 10.23
N ILE B 327 -3.34 -14.07 11.13
CA ILE B 327 -3.28 -13.25 12.34
C ILE B 327 -2.09 -13.66 13.20
N GLY B 328 -1.75 -14.95 13.21
CA GLY B 328 -0.58 -15.39 13.94
C GLY B 328 0.71 -14.86 13.36
N GLY B 329 0.79 -14.77 12.03
CA GLY B 329 1.96 -14.18 11.40
C GLY B 329 2.10 -12.71 11.68
N ILE B 330 0.98 -12.00 11.73
CA ILE B 330 0.97 -10.57 12.04
C ILE B 330 1.46 -10.33 13.46
N THR B 331 1.12 -11.25 14.38
CA THR B 331 1.34 -11.03 15.80
C THR B 331 2.83 -10.94 16.13
N ALA B 332 3.68 -11.67 15.42
CA ALA B 332 5.10 -11.69 15.75
C ALA B 332 5.76 -10.32 15.65
N PRO B 333 5.57 -9.52 14.60
CA PRO B 333 6.11 -8.15 14.62
C PRO B 333 5.26 -7.15 15.37
N THR B 334 3.99 -7.45 15.66
CA THR B 334 3.16 -6.52 16.41
C THR B 334 3.52 -6.50 17.88
N VAL B 335 3.81 -7.67 18.45
CA VAL B 335 4.17 -7.75 19.86
C VAL B 335 5.50 -7.05 20.10
N ARG B 336 6.41 -7.14 19.14
CA ARG B 336 7.72 -6.52 19.28
C ARG B 336 7.71 -5.02 18.97
N GLN B 337 6.65 -4.51 18.37
CA GLN B 337 6.49 -3.08 18.12
C GLN B 337 5.64 -2.39 19.18
N TYR B 338 4.69 -3.10 19.78
CA TYR B 338 3.97 -2.55 20.92
C TYR B 338 4.86 -2.51 22.15
N TYR B 339 5.71 -3.53 22.34
CA TYR B 339 6.64 -3.51 23.44
C TYR B 339 7.65 -2.38 23.29
N ALA B 340 8.14 -2.16 22.07
CA ALA B 340 9.12 -1.11 21.86
C ALA B 340 8.54 0.27 22.14
N TYR B 341 7.33 0.53 21.63
CA TYR B 341 6.69 1.81 21.87
C TYR B 341 6.37 2.00 23.35
N LEU B 342 5.87 0.95 24.00
CA LEU B 342 5.41 1.09 25.38
C LEU B 342 6.56 1.43 26.33
N THR B 343 7.71 0.80 26.16
CA THR B 343 8.80 0.94 27.11
C THR B 343 9.80 2.01 26.72
N ASP B 344 10.35 1.93 25.51
CA ASP B 344 11.35 2.90 25.08
C ASP B 344 10.79 4.31 25.11
N THR B 345 11.52 5.22 25.72
CA THR B 345 11.05 6.59 25.89
C THR B 345 11.47 7.51 24.74
N GLN B 346 12.28 7.03 23.81
CA GLN B 346 12.69 7.79 22.65
C GLN B 346 11.96 7.37 21.39
N CYS B 347 10.90 6.59 21.50
CA CYS B 347 10.22 6.06 20.32
C CYS B 347 9.27 7.09 19.72
N LYS B 348 8.28 7.51 20.48
CA LYS B 348 7.38 8.61 20.12
C LYS B 348 6.55 8.33 18.88
N ARG B 349 6.46 7.07 18.46
CA ARG B 349 5.54 6.69 17.39
C ARG B 349 5.34 5.18 17.43
N VAL B 350 4.12 4.75 17.15
CA VAL B 350 3.76 3.33 17.18
C VAL B 350 3.89 2.76 15.78
N GLY B 351 4.54 1.59 15.68
CA GLY B 351 4.86 1.05 14.38
C GLY B 351 3.62 0.81 13.54
N THR B 352 3.84 0.79 12.22
CA THR B 352 2.70 0.70 11.30
C THR B 352 2.03 -0.66 11.37
N GLN B 353 2.80 -1.73 11.54
CA GLN B 353 2.20 -3.05 11.68
C GLN B 353 1.36 -3.14 12.95
N CYS B 354 1.84 -2.52 14.04
CA CYS B 354 1.03 -2.46 15.25
C CYS B 354 -0.21 -1.60 15.06
N TRP B 355 -0.11 -0.55 14.25
CA TRP B 355 -1.29 0.25 13.91
C TRP B 355 -2.31 -0.58 13.14
N VAL B 356 -1.84 -1.35 12.16
CA VAL B 356 -2.75 -2.12 11.32
C VAL B 356 -3.35 -3.29 12.11
N PHE B 357 -2.56 -3.93 12.97
CA PHE B 357 -3.14 -4.93 13.85
C PHE B 357 -4.12 -4.33 14.85
N GLY B 358 -4.10 -3.01 15.02
CA GLY B 358 -5.05 -2.34 15.87
C GLY B 358 -6.41 -2.17 15.21
N VAL B 359 -6.43 -1.71 13.97
CA VAL B 359 -7.71 -1.58 13.25
C VAL B 359 -8.29 -2.96 12.97
N ILE B 360 -7.47 -3.92 12.56
CA ILE B 360 -7.99 -5.25 12.22
C ILE B 360 -8.67 -5.87 13.43
N GLY B 361 -8.05 -5.78 14.60
CA GLY B 361 -8.66 -6.33 15.80
C GLY B 361 -9.91 -5.60 16.22
N PHE B 362 -9.95 -4.28 16.03
CA PHE B 362 -11.13 -3.49 16.40
C PHE B 362 -12.23 -3.59 15.36
N LEU B 363 -11.87 -3.63 14.08
CA LEU B 363 -12.88 -3.73 13.01
C LEU B 363 -13.57 -5.09 13.02
N GLU B 364 -12.82 -6.14 13.34
CA GLU B 364 -13.44 -7.47 13.42
C GLU B 364 -14.49 -7.53 14.51
N ALA B 365 -14.33 -6.72 15.57
CA ALA B 365 -15.35 -6.66 16.60
C ALA B 365 -16.58 -5.93 16.12
N ILE B 366 -16.39 -4.83 15.37
CA ILE B 366 -17.53 -4.10 14.82
C ILE B 366 -18.26 -4.94 13.79
N VAL B 367 -17.54 -5.76 13.04
CA VAL B 367 -18.17 -6.69 12.10
C VAL B 367 -19.03 -7.69 12.85
N CYS B 368 -18.54 -8.19 13.99
CA CYS B 368 -19.30 -9.17 14.76
C CYS B 368 -20.51 -8.53 15.45
N ILE B 369 -20.39 -7.28 15.89
CA ILE B 369 -21.53 -6.63 16.52
C ILE B 369 -22.61 -6.31 15.49
N LYS B 370 -22.20 -5.88 14.30
CA LYS B 370 -23.17 -5.49 13.28
C LYS B 370 -23.96 -6.69 12.76
N PHE B 371 -23.27 -7.76 12.41
CA PHE B 371 -23.92 -8.96 11.87
C PHE B 371 -24.37 -9.93 12.95
N GLY B 372 -23.97 -9.71 14.20
CA GLY B 372 -24.36 -10.60 15.28
C GLY B 372 -25.48 -10.03 16.11
N GLN B 373 -26.28 -9.16 15.50
CA GLN B 373 -27.40 -8.53 16.20
C GLN B 373 -28.52 -9.51 16.51
N ASP B 374 -28.48 -10.71 15.94
CA ASP B 374 -29.59 -11.66 16.03
C ASP B 374 -29.33 -12.81 17.00
N LEU B 375 -28.10 -13.30 17.10
CA LEU B 375 -27.84 -14.49 17.91
C LEU B 375 -27.76 -14.19 19.40
N PHE B 376 -28.11 -12.98 19.84
CA PHE B 376 -28.29 -12.67 21.26
C PHE B 376 -29.66 -12.06 21.46
N SER B 377 -30.35 -12.50 22.52
CA SER B 377 -31.63 -11.92 22.92
C SER B 377 -31.58 -11.24 24.27
N LYS B 378 -31.17 -11.97 25.31
CA LYS B 378 -31.02 -11.40 26.65
C LYS B 378 -29.63 -11.66 27.21
N THR B 379 -28.66 -11.95 26.34
CA THR B 379 -27.32 -12.32 26.78
C THR B 379 -26.61 -11.14 27.42
N GLN B 380 -25.66 -11.46 28.31
CA GLN B 380 -25.07 -10.49 29.22
C GLN B 380 -23.70 -10.06 28.73
N ILE B 381 -23.47 -8.74 28.72
CA ILE B 381 -22.12 -8.18 28.61
C ILE B 381 -21.43 -8.13 29.96
N LEU B 382 -22.13 -8.48 31.04
CA LEU B 382 -21.57 -8.37 32.38
C LEU B 382 -20.34 -9.25 32.54
N TYR B 383 -20.36 -10.43 31.91
CA TYR B 383 -19.18 -11.30 31.95
C TYR B 383 -17.98 -10.61 31.32
N VAL B 384 -18.19 -9.94 30.19
CA VAL B 384 -17.13 -9.15 29.58
C VAL B 384 -16.69 -8.03 30.52
N VAL B 385 -17.65 -7.36 31.15
CA VAL B 385 -17.31 -6.36 32.17
C VAL B 385 -16.59 -7.02 33.34
N LEU B 386 -17.07 -8.19 33.77
CA LEU B 386 -16.42 -8.90 34.86
C LEU B 386 -15.02 -9.35 34.45
N TRP B 387 -14.86 -9.81 33.21
CA TRP B 387 -13.53 -10.12 32.69
C TRP B 387 -12.62 -8.90 32.70
N LEU B 388 -13.17 -7.70 32.49
CA LEU B 388 -12.35 -6.50 32.53
C LEU B 388 -11.71 -6.30 33.90
N LEU B 389 -12.48 -6.53 34.97
CA LEU B 389 -11.92 -6.34 36.31
C LEU B 389 -10.93 -7.44 36.66
N CYS B 390 -11.25 -8.69 36.33
CA CYS B 390 -10.36 -9.81 36.64
C CYS B 390 -9.05 -9.77 35.86
N VAL B 391 -8.95 -8.93 34.84
CA VAL B 391 -7.67 -8.73 34.17
C VAL B 391 -6.83 -7.70 34.93
N ALA B 392 -7.45 -6.60 35.35
CA ALA B 392 -6.74 -5.61 36.16
C ALA B 392 -6.36 -6.20 37.51
N PHE B 393 -7.23 -7.03 38.09
CA PHE B 393 -6.90 -7.72 39.32
C PHE B 393 -5.64 -8.56 39.16
N THR B 394 -5.39 -9.07 37.96
CA THR B 394 -4.23 -9.92 37.72
C THR B 394 -3.00 -9.14 37.24
N THR B 395 -3.19 -7.93 36.68
CA THR B 395 -2.03 -7.08 36.44
C THR B 395 -1.52 -6.48 37.74
N PHE B 396 -2.43 -6.01 38.60
CA PHE B 396 -2.02 -5.47 39.88
C PHE B 396 -1.36 -6.54 40.74
N LEU B 397 -1.88 -7.77 40.72
CA LEU B 397 -1.21 -8.86 41.42
C LEU B 397 0.10 -9.23 40.77
N CYS B 398 0.24 -9.03 39.46
CA CYS B 398 1.50 -9.31 38.80
C CYS B 398 2.58 -8.32 39.21
N LEU B 399 2.22 -7.03 39.33
CA LEU B 399 3.18 -6.03 39.77
C LEU B 399 3.60 -6.26 41.22
N TYR B 400 2.64 -6.59 42.08
CA TYR B 400 2.97 -6.86 43.48
C TYR B 400 3.88 -8.08 43.59
N GLY B 401 3.61 -9.13 42.81
CA GLY B 401 4.42 -10.33 42.87
C GLY B 401 5.81 -10.15 42.30
N MET B 402 6.06 -9.04 41.61
CA MET B 402 7.40 -8.73 41.09
C MET B 402 8.06 -7.59 41.84
N ILE B 403 7.29 -6.65 42.38
CA ILE B 403 7.86 -5.65 43.29
C ILE B 403 8.36 -6.33 44.55
N TRP B 404 7.56 -7.23 45.12
CA TRP B 404 8.00 -8.02 46.26
C TRP B 404 9.11 -8.99 45.89
N TYR B 405 9.22 -9.36 44.61
CA TYR B 405 10.25 -10.32 44.19
C TYR B 405 11.65 -9.80 44.45
N ALA B 406 11.86 -8.49 44.24
CA ALA B 406 13.16 -7.90 44.52
C ALA B 406 13.50 -8.00 46.01
N GLU B 407 12.51 -7.77 46.87
CA GLU B 407 12.74 -7.85 48.30
C GLU B 407 13.13 -9.26 48.72
N HIS B 408 12.46 -10.27 48.18
CA HIS B 408 12.80 -11.65 48.48
C HIS B 408 13.39 -12.35 47.26
#